data_7QCW
#
_entry.id   7QCW
#
_cell.length_a   132.400
_cell.length_b   59.640
_cell.length_c   112.120
_cell.angle_alpha   90.00
_cell.angle_beta   109.41
_cell.angle_gamma   90.00
#
_symmetry.space_group_name_H-M   'C 1 2 1'
#
_entity_poly.entity_id   1
_entity_poly.type   'polypeptide(L)'
_entity_poly.pdbx_seq_one_letter_code
;SGSHMTMGTVNHQPLLTQADLLKRGLADLQEHDAELARILDAEVARQQRTLSLVASCCAVKPRTLAASSSALVNVTAEGV
PGRRYHAGCENVDLVESLAIQRARELFGAQYAGVQSHSASSANYQVLAALLEPGDTLLGMALDNGGHLTHGSPVTFSGTY
YKAIGYGTTKEGLIDYDEVRRLALEHRPRLIICGATAYSRVVDFERFRQIADEAGAILMADISHIAGLVATGRHPSPIDA
AHVTTTCTHKQLVGPRGGLILSGRDANEKVPGRDATFSRVLELAVFPRMQGAPAVNMMAAKAAALGYAMTPEFDAEMQRI
RDAADVMASEFQARDYEVVGGRSENHTILIRLRAAMTGAIAETALEHCGIVVNKNRVPGETRSSFVTSGLRIGTGALAQR
HVDAQGCRQIVDLLCRILDEVTPLGESEFTLDPALRKQFCAEAEALCVKYPIADYLAILE
;
_entity_poly.pdbx_strand_id   A,B
#
# COMPACT_ATOMS: atom_id res chain seq x y z
N GLN A 18 21.26 0.74 13.67
CA GLN A 18 20.11 0.26 14.39
C GLN A 18 19.24 -0.61 13.48
N ALA A 19 19.90 -1.32 12.57
CA ALA A 19 19.26 -2.43 11.87
C ALA A 19 19.01 -3.62 12.80
N ASP A 20 19.52 -3.52 14.04
CA ASP A 20 19.19 -4.48 15.08
C ASP A 20 17.69 -4.56 15.31
N LEU A 21 16.97 -3.47 15.05
CA LEU A 21 15.53 -3.44 15.23
C LEU A 21 14.84 -4.53 14.42
N LEU A 22 15.17 -4.63 13.14
CA LEU A 22 14.54 -5.63 12.28
C LEU A 22 15.10 -7.03 12.52
N LYS A 23 16.41 -7.16 12.78
CA LYS A 23 17.01 -8.46 13.00
C LYS A 23 16.44 -9.14 14.24
N ARG A 24 16.28 -8.37 15.32
CA ARG A 24 15.67 -8.89 16.54
C ARG A 24 14.15 -8.88 16.42
N GLY A 25 13.62 -8.13 15.45
CA GLY A 25 12.23 -8.29 15.09
C GLY A 25 11.96 -9.61 14.38
N LEU A 26 12.91 -10.05 13.56
CA LEU A 26 12.85 -11.40 13.03
C LEU A 26 12.91 -12.41 14.17
N ALA A 27 13.72 -12.12 15.19
CA ALA A 27 13.86 -13.01 16.32
C ALA A 27 12.59 -13.10 17.15
N ASP A 28 11.81 -12.01 17.23
CA ASP A 28 10.54 -12.07 17.94
C ASP A 28 9.55 -12.97 17.22
N LEU A 29 9.50 -12.87 15.89
CA LEU A 29 8.60 -13.73 15.13
C LEU A 29 8.98 -15.21 15.28
N GLN A 30 10.28 -15.50 15.25
CA GLN A 30 10.72 -16.90 15.33
C GLN A 30 10.30 -17.56 16.63
N GLU A 31 10.25 -16.79 17.72
CA GLU A 31 9.95 -17.33 19.05
C GLU A 31 8.46 -17.33 19.37
N HIS A 32 7.75 -16.27 18.98
CA HIS A 32 6.38 -16.05 19.43
C HIS A 32 5.32 -16.30 18.36
N ASP A 33 5.61 -16.00 17.10
CA ASP A 33 4.72 -16.35 16.00
C ASP A 33 5.51 -17.27 15.06
N ALA A 34 5.60 -18.54 15.43
CA ALA A 34 6.37 -19.49 14.65
C ALA A 34 5.54 -20.08 13.52
N GLU A 35 4.28 -20.39 13.82
CA GLU A 35 3.27 -20.65 12.80
C GLU A 35 3.30 -19.71 11.60
N LEU A 36 3.22 -18.41 11.83
CA LEU A 36 3.33 -17.51 10.70
C LEU A 36 4.67 -17.68 9.99
N ALA A 37 5.75 -17.93 10.75
CA ALA A 37 7.09 -17.98 10.17
C ALA A 37 7.27 -19.18 9.24
N ARG A 38 6.56 -20.29 9.48
CA ARG A 38 6.64 -21.42 8.56
C ARG A 38 6.15 -21.03 7.18
N ILE A 39 5.01 -20.35 7.09
CA ILE A 39 4.48 -19.93 5.79
C ILE A 39 5.43 -18.94 5.11
N LEU A 40 6.01 -18.03 5.90
CA LEU A 40 6.94 -17.06 5.31
C LEU A 40 8.16 -17.75 4.73
N ASP A 41 8.68 -18.76 5.44
CA ASP A 41 9.81 -19.53 4.93
C ASP A 41 9.39 -20.42 3.76
N ALA A 42 8.16 -20.94 3.78
CA ALA A 42 7.72 -21.84 2.72
C ALA A 42 7.57 -21.13 1.39
N GLU A 43 7.11 -19.86 1.41
CA GLU A 43 6.95 -19.13 0.16
C GLU A 43 8.29 -18.88 -0.52
N VAL A 44 9.30 -18.47 0.25
CA VAL A 44 10.62 -18.25 -0.32
C VAL A 44 11.12 -19.50 -1.02
N ALA A 45 10.95 -20.66 -0.36
CA ALA A 45 11.30 -21.93 -1.00
C ALA A 45 10.47 -22.18 -2.24
N ARG A 46 9.15 -21.95 -2.15
CA ARG A 46 8.27 -22.19 -3.29
C ARG A 46 8.66 -21.33 -4.49
N GLN A 47 8.97 -20.04 -4.26
CA GLN A 47 9.35 -19.12 -5.33
C GLN A 47 10.64 -19.51 -5.99
N GLN A 48 11.47 -20.28 -5.30
CA GLN A 48 12.77 -20.79 -5.74
C GLN A 48 12.73 -22.21 -6.25
N ARG A 49 11.72 -23.00 -5.90
CA ARG A 49 11.53 -24.28 -6.54
C ARG A 49 10.60 -24.18 -7.76
N THR A 50 10.14 -22.99 -8.10
CA THR A 50 9.21 -22.78 -9.20
C THR A 50 9.90 -22.01 -10.32
N LEU A 51 9.76 -22.50 -11.55
CA LEU A 51 10.32 -21.84 -12.72
C LEU A 51 9.31 -20.84 -13.28
N SER A 52 9.70 -19.57 -13.33
CA SER A 52 8.78 -18.47 -13.64
C SER A 52 9.18 -17.81 -14.95
N LEU A 53 8.39 -18.04 -16.00
CA LEU A 53 8.55 -17.35 -17.27
C LEU A 53 7.46 -16.31 -17.52
N VAL A 54 6.62 -16.03 -16.52
CA VAL A 54 5.64 -14.97 -16.65
C VAL A 54 6.34 -13.63 -16.73
N ALA A 55 5.80 -12.74 -17.56
CA ALA A 55 6.56 -11.58 -18.03
C ALA A 55 6.83 -10.57 -16.91
N SER A 56 5.79 -10.20 -16.16
CA SER A 56 5.89 -9.11 -15.21
C SER A 56 6.11 -9.57 -13.78
N CYS A 57 6.23 -10.87 -13.55
CA CYS A 57 6.56 -11.38 -12.22
C CYS A 57 8.07 -11.40 -12.03
N CYS A 58 8.51 -10.81 -10.93
CA CYS A 58 9.93 -10.80 -10.57
C CYS A 58 10.04 -10.80 -9.06
N ALA A 59 11.19 -11.26 -8.56
CA ALA A 59 11.48 -11.23 -7.14
C ALA A 59 12.20 -9.93 -6.79
N VAL A 60 11.66 -9.20 -5.82
CA VAL A 60 12.16 -7.87 -5.50
C VAL A 60 13.50 -7.99 -4.78
N LYS A 61 14.42 -7.06 -5.06
CA LYS A 61 15.76 -7.18 -4.51
C LYS A 61 15.73 -7.06 -2.99
N PRO A 62 16.57 -7.82 -2.29
CA PRO A 62 16.51 -7.83 -0.82
C PRO A 62 16.71 -6.46 -0.18
N ARG A 63 17.57 -5.61 -0.76
CA ARG A 63 17.75 -4.27 -0.23
C ARG A 63 16.44 -3.51 -0.21
N THR A 64 15.67 -3.60 -1.31
CA THR A 64 14.37 -2.96 -1.37
C THR A 64 13.41 -3.53 -0.34
N LEU A 65 13.51 -4.84 -0.07
CA LEU A 65 12.71 -5.45 0.99
C LEU A 65 13.11 -4.94 2.37
N ALA A 66 14.40 -4.62 2.56
CA ALA A 66 14.84 -4.09 3.84
C ALA A 66 14.28 -2.70 4.09
N ALA A 67 14.28 -1.84 3.08
CA ALA A 67 13.77 -0.48 3.24
C ALA A 67 12.26 -0.45 3.41
N SER A 68 11.56 -1.47 2.89
CA SER A 68 10.11 -1.50 2.99
C SER A 68 9.61 -1.73 4.41
N SER A 69 10.48 -2.09 5.34
CA SER A 69 10.11 -2.33 6.73
C SER A 69 10.78 -1.35 7.67
N SER A 70 11.04 -0.13 7.20
CA SER A 70 11.61 0.90 8.04
C SER A 70 10.65 1.27 9.16
N ALA A 71 11.18 1.97 10.16
CA ALA A 71 10.35 2.55 11.21
C ALA A 71 9.65 3.82 10.75
N LEU A 72 9.84 4.21 9.49
CA LEU A 72 9.16 5.35 8.90
C LEU A 72 7.67 5.06 8.67
N VAL A 73 7.22 3.84 9.01
CA VAL A 73 5.81 3.53 9.06
C VAL A 73 5.14 4.24 10.23
N ASN A 74 5.86 4.43 11.34
CA ASN A 74 5.30 5.04 12.54
C ASN A 74 4.96 6.51 12.35
N VAL A 75 5.11 7.06 11.15
CA VAL A 75 4.90 8.49 10.96
C VAL A 75 3.49 8.71 10.42
N CYS A 89 8.50 16.10 10.90
CA CYS A 89 9.07 14.91 10.27
C CYS A 89 9.81 15.27 8.99
N GLU A 90 11.14 15.44 9.11
CA GLU A 90 11.96 15.81 7.98
C GLU A 90 12.58 14.61 7.27
N ASN A 91 12.69 13.46 7.95
CA ASN A 91 13.17 12.26 7.29
C ASN A 91 12.15 11.71 6.29
N VAL A 92 10.87 12.08 6.44
CA VAL A 92 9.88 11.63 5.47
C VAL A 92 10.04 12.40 4.17
N ASP A 93 10.59 13.61 4.24
CA ASP A 93 10.88 14.43 3.07
C ASP A 93 12.24 14.09 2.48
N LEU A 94 13.15 13.58 3.31
CA LEU A 94 14.47 13.17 2.84
C LEU A 94 14.39 11.95 1.96
N VAL A 95 13.67 10.93 2.41
CA VAL A 95 13.41 9.75 1.59
C VAL A 95 12.69 10.14 0.31
N GLU A 96 11.78 11.11 0.40
CA GLU A 96 11.09 11.57 -0.80
C GLU A 96 12.03 12.30 -1.74
N SER A 97 12.89 13.17 -1.19
CA SER A 97 13.83 13.91 -2.01
C SER A 97 14.85 12.98 -2.65
N LEU A 98 15.29 11.95 -1.91
CA LEU A 98 16.22 11.00 -2.48
C LEU A 98 15.59 10.23 -3.64
N ALA A 99 14.34 9.81 -3.50
CA ALA A 99 13.68 9.09 -4.58
C ALA A 99 13.45 9.98 -5.80
N ILE A 100 13.09 11.24 -5.57
CA ILE A 100 12.88 12.16 -6.69
C ILE A 100 14.18 12.37 -7.46
N GLN A 101 15.29 12.57 -6.74
CA GLN A 101 16.58 12.72 -7.39
C GLN A 101 16.96 11.46 -8.16
N ARG A 102 16.76 10.29 -7.55
CA ARG A 102 17.17 9.05 -8.18
C ARG A 102 16.34 8.75 -9.43
N ALA A 103 15.03 9.01 -9.37
CA ALA A 103 14.19 8.81 -10.55
C ALA A 103 14.60 9.72 -11.69
N ARG A 104 14.98 10.96 -11.38
CA ARG A 104 15.34 11.91 -12.42
C ARG A 104 16.68 11.56 -13.09
N GLU A 105 17.61 10.99 -12.33
CA GLU A 105 18.88 10.58 -12.90
C GLU A 105 18.72 9.34 -13.78
N LEU A 106 17.95 8.35 -13.30
CA LEU A 106 17.80 7.09 -14.02
C LEU A 106 17.13 7.29 -15.37
N PHE A 107 16.11 8.13 -15.43
CA PHE A 107 15.30 8.30 -16.62
C PHE A 107 15.57 9.61 -17.37
N GLY A 108 16.44 10.46 -16.85
CA GLY A 108 16.63 11.77 -17.45
C GLY A 108 15.39 12.64 -17.37
N ALA A 109 14.71 12.64 -16.22
CA ALA A 109 13.45 13.34 -16.04
C ALA A 109 13.70 14.72 -15.43
N GLN A 110 13.13 15.75 -16.05
CA GLN A 110 13.13 17.07 -15.43
C GLN A 110 12.06 17.21 -14.35
N TYR A 111 11.06 16.34 -14.36
CA TYR A 111 10.04 16.29 -13.33
C TYR A 111 9.83 14.84 -12.89
N ALA A 112 9.52 14.66 -11.61
CA ALA A 112 9.29 13.33 -11.08
C ALA A 112 8.36 13.42 -9.87
N GLY A 113 7.43 12.47 -9.77
CA GLY A 113 6.53 12.36 -8.64
C GLY A 113 6.45 10.93 -8.15
N VAL A 114 6.52 10.71 -6.83
CA VAL A 114 6.88 9.40 -6.31
C VAL A 114 5.91 8.86 -5.26
N GLN A 115 4.80 9.57 -5.02
CA GLN A 115 3.91 9.18 -3.93
C GLN A 115 2.83 8.20 -4.33
N SER A 116 2.79 7.77 -5.58
CA SER A 116 1.76 6.83 -6.01
C SER A 116 1.98 5.47 -5.36
N HIS A 117 0.89 4.89 -4.87
CA HIS A 117 0.92 3.56 -4.26
C HIS A 117 0.72 2.45 -5.27
N SER A 118 0.55 2.78 -6.55
CA SER A 118 0.36 1.81 -7.62
C SER A 118 0.52 2.52 -8.96
N ALA A 119 0.93 1.76 -9.97
CA ALA A 119 1.03 2.31 -11.32
C ALA A 119 -0.34 2.67 -11.87
N SER A 120 -1.37 1.91 -11.51
CA SER A 120 -2.73 2.25 -11.89
C SER A 120 -3.10 3.63 -11.37
N SER A 121 -2.73 3.92 -10.11
CA SER A 121 -2.98 5.25 -9.56
C SER A 121 -2.23 6.32 -10.33
N ALA A 122 -0.97 6.04 -10.71
CA ALA A 122 -0.19 7.02 -11.44
C ALA A 122 -0.85 7.37 -12.77
N ASN A 123 -1.43 6.39 -13.44
CA ASN A 123 -2.13 6.66 -14.69
C ASN A 123 -3.38 7.50 -14.47
N TYR A 124 -4.22 7.10 -13.51
CA TYR A 124 -5.47 7.80 -13.26
C TYR A 124 -5.23 9.22 -12.79
N GLN A 125 -4.22 9.43 -11.95
CA GLN A 125 -3.91 10.78 -11.47
C GLN A 125 -3.57 11.70 -12.63
N VAL A 126 -2.76 11.21 -13.58
CA VAL A 126 -2.46 11.99 -14.77
C VAL A 126 -3.72 12.21 -15.60
N LEU A 127 -4.51 11.15 -15.79
CA LEU A 127 -5.73 11.26 -16.57
C LEU A 127 -6.71 12.25 -15.95
N ALA A 128 -6.74 12.33 -14.63
CA ALA A 128 -7.64 13.27 -13.97
C ALA A 128 -7.18 14.70 -14.14
N ALA A 129 -5.86 14.93 -14.11
CA ALA A 129 -5.33 16.27 -14.32
C ALA A 129 -5.65 16.80 -15.71
N LEU A 130 -5.99 15.92 -16.65
CA LEU A 130 -6.10 16.25 -18.08
C LEU A 130 -7.47 15.76 -18.54
N LEU A 131 -8.51 16.58 -18.36
CA LEU A 131 -9.89 16.11 -18.49
C LEU A 131 -10.55 16.72 -19.72
N GLU A 132 -10.89 15.86 -20.68
CA GLU A 132 -11.70 16.16 -21.85
C GLU A 132 -12.09 14.81 -22.46
N PRO A 133 -13.29 14.69 -23.03
CA PRO A 133 -13.78 13.35 -23.41
C PRO A 133 -12.83 12.52 -24.28
N GLY A 134 -12.11 13.14 -25.21
CA GLY A 134 -11.35 12.39 -26.19
C GLY A 134 -10.12 11.72 -25.59
N ASP A 135 -10.05 10.39 -25.68
CA ASP A 135 -8.90 9.63 -25.21
C ASP A 135 -8.72 8.43 -26.14
N THR A 136 -7.49 8.19 -26.57
CA THR A 136 -7.16 7.09 -27.44
C THR A 136 -6.23 6.13 -26.70
N LEU A 137 -6.59 4.86 -26.63
CA LEU A 137 -5.83 3.91 -25.82
C LEU A 137 -5.81 2.55 -26.50
N LEU A 138 -4.83 1.73 -26.11
CA LEU A 138 -4.64 0.41 -26.67
C LEU A 138 -5.50 -0.60 -25.91
N GLY A 139 -6.33 -1.33 -26.64
CA GLY A 139 -7.18 -2.34 -26.04
C GLY A 139 -7.62 -3.41 -27.04
N TYR A 161 -14.86 9.99 -19.07
CA TYR A 161 -14.18 10.04 -20.36
C TYR A 161 -14.89 9.16 -21.39
N LYS A 162 -14.78 9.53 -22.66
CA LYS A 162 -15.22 8.70 -23.77
C LYS A 162 -13.99 8.04 -24.38
N ALA A 163 -13.85 6.73 -24.16
CA ALA A 163 -12.63 6.02 -24.53
C ALA A 163 -12.71 5.57 -25.98
N ILE A 164 -11.77 6.03 -26.79
CA ILE A 164 -11.53 5.51 -28.13
C ILE A 164 -10.37 4.54 -28.04
N GLY A 165 -10.46 3.42 -28.74
CA GLY A 165 -9.48 2.36 -28.64
C GLY A 165 -8.80 2.07 -29.97
N TYR A 166 -7.51 1.74 -29.90
CA TYR A 166 -6.78 1.19 -31.02
C TYR A 166 -6.28 -0.20 -30.63
N GLY A 167 -5.65 -0.87 -31.58
CA GLY A 167 -5.20 -2.24 -31.37
C GLY A 167 -3.98 -2.56 -32.19
N THR A 168 -3.88 -3.81 -32.62
CA THR A 168 -2.74 -4.32 -33.34
C THR A 168 -3.09 -4.64 -34.79
N THR A 169 -2.08 -4.59 -35.64
CA THR A 169 -2.31 -4.98 -37.02
C THR A 169 -2.39 -6.50 -37.07
N LYS A 170 -3.00 -7.02 -38.12
CA LYS A 170 -3.22 -8.47 -38.21
C LYS A 170 -1.91 -9.25 -38.26
N GLU A 171 -0.79 -8.54 -38.22
CA GLU A 171 0.55 -9.16 -38.28
C GLU A 171 1.38 -8.92 -37.02
N GLY A 172 0.77 -8.45 -35.94
CA GLY A 172 1.44 -8.41 -34.64
C GLY A 172 2.11 -7.11 -34.27
N LEU A 173 1.69 -5.98 -34.85
CA LEU A 173 2.28 -4.69 -34.55
C LEU A 173 1.19 -3.72 -34.16
N ILE A 174 1.58 -2.68 -33.41
CA ILE A 174 0.66 -1.58 -33.15
C ILE A 174 0.27 -0.94 -34.48
N ASP A 175 -1.03 -0.77 -34.69
CA ASP A 175 -1.52 -0.13 -35.90
C ASP A 175 -1.42 1.38 -35.70
N TYR A 176 -0.19 1.90 -35.81
CA TYR A 176 0.02 3.32 -35.61
C TYR A 176 -0.73 4.15 -36.64
N ASP A 177 -0.89 3.62 -37.86
CA ASP A 177 -1.68 4.32 -38.87
C ASP A 177 -3.14 4.40 -38.45
N GLU A 178 -3.62 3.44 -37.65
CA GLU A 178 -4.94 3.54 -37.07
C GLU A 178 -4.96 4.56 -35.93
N VAL A 179 -3.89 4.62 -35.15
CA VAL A 179 -3.76 5.67 -34.13
C VAL A 179 -3.88 7.04 -34.80
N ARG A 180 -3.26 7.20 -35.97
CA ARG A 180 -3.32 8.45 -36.70
C ARG A 180 -4.74 8.75 -37.17
N ARG A 181 -5.39 7.76 -37.79
CA ARG A 181 -6.73 7.98 -38.34
C ARG A 181 -7.73 8.32 -37.24
N LEU A 182 -7.65 7.62 -36.10
CA LEU A 182 -8.54 7.90 -34.99
C LEU A 182 -8.26 9.28 -34.40
N ALA A 183 -6.99 9.67 -34.35
CA ALA A 183 -6.62 10.95 -33.75
C ALA A 183 -7.11 12.12 -34.60
N LEU A 184 -6.95 12.04 -35.92
CA LEU A 184 -7.39 13.12 -36.80
C LEU A 184 -8.90 13.18 -36.93
N GLU A 185 -9.61 12.13 -36.54
CA GLU A 185 -11.07 12.10 -36.60
C GLU A 185 -11.70 12.64 -35.32
N HIS A 186 -11.32 12.08 -34.17
CA HIS A 186 -11.97 12.43 -32.90
C HIS A 186 -11.26 13.52 -32.13
N ARG A 187 -10.07 13.97 -32.58
CA ARG A 187 -9.30 15.03 -31.94
C ARG A 187 -9.19 14.80 -30.43
N PRO A 188 -8.44 13.78 -30.00
CA PRO A 188 -8.43 13.42 -28.59
C PRO A 188 -7.64 14.40 -27.74
N ARG A 189 -7.94 14.40 -26.44
CA ARG A 189 -7.19 15.23 -25.51
C ARG A 189 -5.80 14.66 -25.27
N LEU A 190 -5.72 13.41 -24.81
CA LEU A 190 -4.46 12.68 -24.83
C LEU A 190 -4.62 11.36 -25.58
N ILE A 191 -3.51 10.88 -26.10
CA ILE A 191 -3.35 9.52 -26.59
C ILE A 191 -2.46 8.78 -25.61
N ILE A 192 -2.91 7.61 -25.16
CA ILE A 192 -2.13 6.76 -24.26
C ILE A 192 -1.39 5.72 -25.08
N CYS A 193 -0.08 5.65 -24.90
CA CYS A 193 0.74 4.63 -25.53
C CYS A 193 1.40 3.78 -24.45
N GLY A 194 1.88 2.61 -24.86
CA GLY A 194 2.45 1.66 -23.91
C GLY A 194 1.60 0.40 -23.93
N ALA A 195 2.25 -0.74 -24.10
CA ALA A 195 1.58 -2.02 -24.24
C ALA A 195 2.15 -3.01 -23.24
N THR A 196 1.35 -4.03 -22.93
CA THR A 196 1.69 -5.02 -21.91
C THR A 196 2.22 -6.32 -22.50
N ALA A 197 1.63 -6.80 -23.60
CA ALA A 197 2.02 -8.07 -24.20
C ALA A 197 2.73 -7.90 -25.53
N TYR A 198 3.10 -6.67 -25.88
CA TYR A 198 3.81 -6.39 -27.12
C TYR A 198 5.24 -6.94 -27.05
N SER A 199 5.75 -7.37 -28.20
CA SER A 199 7.07 -8.01 -28.28
C SER A 199 8.06 -7.18 -29.07
N ARG A 200 7.84 -5.87 -29.18
CA ARG A 200 8.60 -5.04 -30.10
C ARG A 200 8.77 -3.66 -29.49
N VAL A 201 9.66 -2.86 -30.07
CA VAL A 201 9.93 -1.54 -29.53
C VAL A 201 8.76 -0.62 -29.86
N VAL A 202 8.16 -0.06 -28.82
CA VAL A 202 7.14 0.97 -29.01
C VAL A 202 7.82 2.25 -29.48
N ASP A 203 7.36 2.78 -30.61
CA ASP A 203 7.94 4.00 -31.17
C ASP A 203 7.23 5.19 -30.54
N PHE A 204 7.74 5.62 -29.37
CA PHE A 204 7.16 6.77 -28.70
C PHE A 204 7.31 8.04 -29.53
N GLU A 205 8.35 8.11 -30.37
CA GLU A 205 8.50 9.25 -31.25
C GLU A 205 7.39 9.30 -32.31
N ARG A 206 7.02 8.14 -32.85
CA ARG A 206 5.92 8.08 -33.82
C ARG A 206 4.62 8.56 -33.19
N PHE A 207 4.33 8.08 -31.98
CA PHE A 207 3.11 8.47 -31.28
C PHE A 207 3.06 9.98 -31.09
N ARG A 208 4.19 10.58 -30.71
CA ARG A 208 4.29 12.02 -30.48
C ARG A 208 4.14 12.81 -31.78
N GLN A 209 4.64 12.28 -32.90
CA GLN A 209 4.39 12.89 -34.20
C GLN A 209 2.90 12.92 -34.50
N ILE A 210 2.21 11.81 -34.24
CA ILE A 210 0.77 11.74 -34.46
C ILE A 210 0.06 12.74 -33.54
N ALA A 211 0.45 12.77 -32.27
CA ALA A 211 -0.22 13.64 -31.30
C ALA A 211 -0.06 15.10 -31.66
N ASP A 212 1.14 15.50 -32.11
CA ASP A 212 1.41 16.90 -32.40
C ASP A 212 0.72 17.40 -33.67
N GLU A 213 0.16 16.50 -34.49
CA GLU A 213 -0.66 16.91 -35.61
C GLU A 213 -2.16 16.82 -35.31
N ALA A 214 -2.53 16.19 -34.20
CA ALA A 214 -3.91 16.16 -33.74
C ALA A 214 -4.13 17.00 -32.49
N GLY A 215 -3.13 17.78 -32.08
CA GLY A 215 -3.26 18.62 -30.90
C GLY A 215 -3.53 17.85 -29.63
N ALA A 216 -2.82 16.75 -29.43
CA ALA A 216 -3.05 15.85 -28.30
C ALA A 216 -1.81 15.78 -27.41
N ILE A 217 -2.01 15.24 -26.22
CA ILE A 217 -0.96 14.97 -25.27
C ILE A 217 -0.60 13.49 -25.35
N LEU A 218 0.67 13.16 -25.16
CA LEU A 218 1.13 11.78 -25.21
C LEU A 218 1.49 11.32 -23.80
N MET A 219 0.86 10.26 -23.35
CA MET A 219 1.16 9.62 -22.08
C MET A 219 1.65 8.20 -22.35
N ALA A 220 2.70 7.80 -21.62
CA ALA A 220 3.36 6.52 -21.86
C ALA A 220 3.46 5.75 -20.56
N ASP A 221 2.92 4.54 -20.54
CA ASP A 221 3.10 3.60 -19.45
C ASP A 221 4.24 2.67 -19.84
N ILE A 222 5.43 2.93 -19.31
CA ILE A 222 6.60 2.12 -19.58
C ILE A 222 6.81 1.07 -18.48
N SER A 223 5.74 0.73 -17.77
CA SER A 223 5.82 -0.16 -16.61
C SER A 223 6.47 -1.48 -16.95
N HIS A 224 6.19 -2.03 -18.13
CA HIS A 224 6.67 -3.36 -18.49
C HIS A 224 8.05 -3.34 -19.14
N ILE A 225 8.58 -2.18 -19.49
CA ILE A 225 9.87 -2.10 -20.16
C ILE A 225 10.77 -1.08 -19.45
N ALA A 226 10.45 -0.80 -18.18
CA ALA A 226 11.08 0.33 -17.48
C ALA A 226 12.58 0.15 -17.36
N GLY A 227 13.04 -1.04 -16.97
CA GLY A 227 14.46 -1.26 -16.80
C GLY A 227 15.23 -1.16 -18.11
N LEU A 228 14.65 -1.66 -19.19
CA LEU A 228 15.28 -1.54 -20.50
C LEU A 228 15.35 -0.08 -20.94
N VAL A 229 14.28 0.69 -20.68
CA VAL A 229 14.30 2.12 -20.96
C VAL A 229 15.36 2.81 -20.13
N ALA A 230 15.45 2.45 -18.84
CA ALA A 230 16.41 3.08 -17.95
C ALA A 230 17.85 2.77 -18.35
N THR A 231 18.11 1.53 -18.75
CA THR A 231 19.46 1.12 -19.12
C THR A 231 19.78 1.41 -20.59
N GLY A 232 18.87 2.06 -21.32
CA GLY A 232 19.11 2.44 -22.69
C GLY A 232 18.83 1.37 -23.72
N ARG A 233 18.51 0.15 -23.30
CA ARG A 233 18.28 -0.93 -24.26
C ARG A 233 17.00 -0.70 -25.06
N HIS A 234 16.03 -0.02 -24.47
CA HIS A 234 14.80 0.39 -25.14
C HIS A 234 14.75 1.90 -25.26
N PRO A 235 14.31 2.42 -26.41
CA PRO A 235 14.20 3.87 -26.55
C PRO A 235 13.30 4.47 -25.48
N SER A 236 13.69 5.65 -24.99
CA SER A 236 12.96 6.23 -23.86
C SER A 236 11.86 7.18 -24.34
N PRO A 237 10.75 7.23 -23.63
CA PRO A 237 9.70 8.23 -23.92
C PRO A 237 9.77 9.47 -23.04
N ILE A 238 10.83 9.62 -22.25
CA ILE A 238 10.88 10.70 -21.25
C ILE A 238 10.72 12.06 -21.93
N ASP A 239 11.32 12.23 -23.11
CA ASP A 239 11.18 13.45 -23.87
C ASP A 239 10.24 13.30 -25.07
N ALA A 240 9.93 12.07 -25.48
CA ALA A 240 8.94 11.87 -26.53
C ALA A 240 7.53 12.11 -26.01
N ALA A 241 7.18 11.49 -24.89
CA ALA A 241 5.87 11.70 -24.27
C ALA A 241 5.89 12.94 -23.39
N HIS A 242 4.78 13.67 -23.39
CA HIS A 242 4.64 14.78 -22.45
C HIS A 242 4.77 14.30 -21.02
N VAL A 243 4.13 13.17 -20.70
CA VAL A 243 4.13 12.59 -19.37
C VAL A 243 4.38 11.10 -19.50
N THR A 244 5.19 10.56 -18.58
CA THR A 244 5.48 9.13 -18.53
C THR A 244 5.09 8.58 -17.16
N THR A 245 4.43 7.43 -17.17
CA THR A 245 4.09 6.70 -15.95
C THR A 245 4.77 5.34 -15.97
N THR A 246 5.12 4.84 -14.78
CA THR A 246 5.80 3.52 -14.67
C THR A 246 5.50 2.85 -13.33
N CYS A 247 5.69 1.54 -13.26
CA CYS A 247 5.50 0.77 -12.00
C CYS A 247 6.87 0.41 -11.48
N THR A 248 7.11 0.64 -10.20
CA THR A 248 8.40 0.29 -9.56
C THR A 248 8.62 -1.23 -9.53
N HIS A 249 7.58 -2.02 -9.30
CA HIS A 249 7.76 -3.50 -9.13
C HIS A 249 8.18 -4.24 -10.40
N LYS A 250 7.53 -4.01 -11.53
CA LYS A 250 7.80 -4.78 -12.77
C LYS A 250 9.00 -4.21 -13.52
N GLN A 251 10.09 -4.95 -13.60
CA GLN A 251 11.30 -4.55 -14.40
C GLN A 251 12.20 -3.57 -13.64
N LEU A 252 11.74 -2.98 -12.55
CA LEU A 252 12.65 -2.13 -11.73
C LEU A 252 12.90 -2.92 -10.45
N VAL A 253 12.32 -4.12 -10.36
CA VAL A 253 12.57 -5.04 -9.22
C VAL A 253 12.36 -4.30 -7.90
N GLY A 254 11.34 -3.47 -7.84
CA GLY A 254 11.11 -2.64 -6.64
C GLY A 254 9.76 -2.91 -6.03
N PRO A 255 9.24 -1.99 -5.19
CA PRO A 255 7.98 -2.19 -4.52
C PRO A 255 6.78 -1.86 -5.42
N ARG A 256 5.59 -2.32 -5.04
CA ARG A 256 4.38 -1.92 -5.79
C ARG A 256 4.22 -0.41 -5.60
N GLY A 257 4.21 0.35 -6.69
CA GLY A 257 4.14 1.80 -6.60
C GLY A 257 4.20 2.40 -7.99
N GLY A 258 4.21 3.73 -8.08
CA GLY A 258 4.18 4.38 -9.41
C GLY A 258 5.07 5.59 -9.49
N LEU A 259 5.57 5.89 -10.68
CA LEU A 259 6.38 7.11 -10.86
C LEU A 259 5.78 7.96 -11.99
N ILE A 260 5.57 9.24 -11.74
CA ILE A 260 5.06 10.19 -12.73
C ILE A 260 6.25 11.02 -13.17
N LEU A 261 6.54 11.02 -14.48
CA LEU A 261 7.74 11.64 -14.99
C LEU A 261 7.42 12.51 -16.19
N SER A 262 8.23 13.55 -16.39
CA SER A 262 8.14 14.40 -17.57
C SER A 262 9.51 14.96 -17.88
N GLY A 263 9.76 15.20 -19.17
CA GLY A 263 11.05 15.67 -19.61
C GLY A 263 11.03 17.07 -20.19
N ARG A 264 11.19 17.18 -21.52
CA ARG A 264 11.26 18.48 -22.17
C ARG A 264 9.95 19.24 -22.12
N ASP A 265 8.83 18.56 -21.85
CA ASP A 265 7.54 19.19 -21.72
C ASP A 265 7.15 19.43 -20.26
N ALA A 266 8.05 19.16 -19.33
CA ALA A 266 7.73 19.32 -17.91
C ALA A 266 7.41 20.77 -17.58
N ASN A 267 8.18 21.71 -18.10
CA ASN A 267 7.97 23.12 -17.85
C ASN A 267 7.38 23.86 -19.05
N GLU A 268 7.10 23.17 -20.14
CA GLU A 268 6.30 23.76 -21.20
C GLU A 268 4.82 23.66 -20.83
N LYS A 269 4.04 24.61 -21.30
CA LYS A 269 2.65 24.73 -20.88
C LYS A 269 1.79 23.63 -21.49
N VAL A 270 0.84 23.14 -20.71
CA VAL A 270 -0.18 22.20 -21.17
C VAL A 270 -0.98 22.88 -22.27
N PRO A 271 -1.50 22.16 -23.27
CA PRO A 271 -2.43 22.79 -24.22
C PRO A 271 -3.62 23.38 -23.48
N GLY A 272 -3.70 24.70 -23.47
CA GLY A 272 -4.63 25.40 -22.62
C GLY A 272 -4.21 25.28 -21.15
N ARG A 273 -5.00 25.96 -20.31
CA ARG A 273 -5.00 25.91 -18.86
C ARG A 273 -3.81 26.60 -18.20
N ASP A 274 -2.97 27.32 -18.97
CA ASP A 274 -2.05 28.32 -18.44
C ASP A 274 -1.28 27.77 -17.24
N ALA A 275 -0.62 26.65 -17.47
CA ALA A 275 0.24 26.05 -16.45
C ALA A 275 1.17 25.06 -17.14
N THR A 276 2.32 24.86 -16.51
CA THR A 276 3.27 23.87 -16.99
C THR A 276 2.82 22.48 -16.57
N PHE A 277 3.25 21.48 -17.34
CA PHE A 277 2.94 20.10 -17.02
C PHE A 277 3.39 19.73 -15.61
N SER A 278 4.46 20.37 -15.12
CA SER A 278 4.98 20.06 -13.79
C SER A 278 3.98 20.44 -12.69
N ARG A 279 3.41 21.64 -12.79
CA ARG A 279 2.39 22.08 -11.83
C ARG A 279 1.21 21.12 -11.83
N VAL A 280 0.55 21.01 -12.98
CA VAL A 280 -0.71 20.27 -13.09
C VAL A 280 -0.54 18.86 -12.54
N LEU A 281 0.58 18.22 -12.86
CA LEU A 281 0.86 16.90 -12.31
C LEU A 281 1.07 16.95 -10.80
N GLU A 282 1.81 17.95 -10.31
CA GLU A 282 2.11 18.05 -8.89
C GLU A 282 0.93 18.55 -8.06
N LEU A 283 -0.09 19.14 -8.69
CA LEU A 283 -1.27 19.53 -7.96
C LEU A 283 -2.24 18.37 -7.73
N ALA A 284 -1.75 17.13 -7.84
CA ALA A 284 -2.54 15.94 -7.57
C ALA A 284 -2.26 15.34 -6.19
N VAL A 285 -1.36 15.94 -5.40
CA VAL A 285 -1.12 15.56 -4.01
C VAL A 285 -2.36 15.09 -3.26
N VAL A 295 6.22 7.39 3.99
CA VAL A 295 5.80 6.03 3.69
C VAL A 295 6.99 5.11 3.48
N ASN A 296 6.79 3.87 3.94
CA ASN A 296 7.73 2.78 3.75
C ASN A 296 8.06 2.63 2.28
N MET A 297 7.01 2.64 1.42
CA MET A 297 7.21 2.40 0.00
C MET A 297 8.01 3.53 -0.63
N MET A 298 8.02 4.71 0.00
CA MET A 298 9.00 5.69 -0.40
C MET A 298 10.42 5.18 -0.18
N ALA A 299 10.69 4.59 0.98
CA ALA A 299 12.03 4.08 1.23
C ALA A 299 12.40 3.00 0.22
N ALA A 300 11.47 2.07 -0.02
CA ALA A 300 11.73 0.98 -0.97
C ALA A 300 11.88 1.51 -2.39
N LYS A 301 11.06 2.50 -2.77
CA LYS A 301 11.20 3.11 -4.08
C LYS A 301 12.61 3.64 -4.28
N ALA A 302 13.11 4.42 -3.32
CA ALA A 302 14.44 4.98 -3.43
C ALA A 302 15.51 3.88 -3.48
N ALA A 303 15.32 2.81 -2.72
CA ALA A 303 16.23 1.68 -2.79
C ALA A 303 16.22 1.05 -4.17
N ALA A 304 15.04 0.85 -4.76
CA ALA A 304 14.94 0.28 -6.09
C ALA A 304 15.51 1.21 -7.14
N LEU A 305 15.22 2.51 -7.04
CA LEU A 305 15.78 3.47 -7.98
C LEU A 305 17.30 3.52 -7.88
N GLY A 306 17.84 3.34 -6.67
CA GLY A 306 19.29 3.31 -6.53
C GLY A 306 19.92 2.10 -7.16
N TYR A 307 19.35 0.91 -6.91
CA TYR A 307 19.89 -0.31 -7.52
C TYR A 307 19.77 -0.28 -9.03
N ALA A 308 18.72 0.37 -9.55
CA ALA A 308 18.53 0.44 -10.99
C ALA A 308 19.61 1.27 -11.69
N MET A 309 20.38 2.07 -10.95
CA MET A 309 21.52 2.78 -11.52
C MET A 309 22.82 2.00 -11.39
N THR A 310 22.84 0.94 -10.58
CA THR A 310 24.04 0.13 -10.44
C THR A 310 24.32 -0.68 -11.71
N PRO A 311 25.59 -0.94 -12.01
CA PRO A 311 25.93 -1.77 -13.17
C PRO A 311 25.42 -3.20 -13.07
N GLU A 312 25.13 -3.66 -11.85
CA GLU A 312 24.56 -4.98 -11.68
C GLU A 312 23.15 -5.05 -12.26
N PHE A 313 22.42 -3.93 -12.22
CA PHE A 313 21.10 -3.86 -12.84
C PHE A 313 21.21 -3.80 -14.36
N ASP A 314 22.20 -3.06 -14.88
CA ASP A 314 22.46 -3.05 -16.31
C ASP A 314 22.73 -4.47 -16.83
N ALA A 315 23.42 -5.29 -16.02
CA ALA A 315 23.69 -6.66 -16.43
C ALA A 315 22.43 -7.51 -16.40
N GLU A 316 21.62 -7.36 -15.35
CA GLU A 316 20.34 -8.06 -15.30
C GLU A 316 19.45 -7.70 -16.48
N MET A 317 19.54 -6.45 -16.94
CA MET A 317 18.74 -6.04 -18.10
C MET A 317 19.24 -6.68 -19.38
N GLN A 318 20.56 -6.82 -19.52
CA GLN A 318 21.09 -7.52 -20.69
C GLN A 318 20.77 -9.00 -20.64
N ARG A 319 20.71 -9.59 -19.44
CA ARG A 319 20.36 -11.01 -19.32
C ARG A 319 18.89 -11.24 -19.65
N ILE A 320 18.01 -10.36 -19.17
CA ILE A 320 16.64 -10.32 -19.69
C ILE A 320 16.67 -10.30 -21.21
N ARG A 321 17.57 -9.49 -21.76
CA ARG A 321 17.62 -9.20 -23.18
C ARG A 321 18.31 -10.31 -23.96
N ASP A 322 19.34 -10.93 -23.38
CA ASP A 322 19.99 -12.06 -24.02
C ASP A 322 19.06 -13.28 -24.05
N ALA A 323 18.43 -13.59 -22.92
CA ALA A 323 17.58 -14.77 -22.83
C ALA A 323 16.40 -14.68 -23.78
N ALA A 324 15.91 -13.46 -24.05
CA ALA A 324 14.80 -13.31 -24.99
C ALA A 324 15.22 -13.73 -26.39
N ASP A 325 16.46 -13.43 -26.77
CA ASP A 325 16.91 -13.75 -28.12
C ASP A 325 17.17 -15.23 -28.32
N VAL A 326 17.81 -15.89 -27.36
CA VAL A 326 18.11 -17.31 -27.52
C VAL A 326 16.84 -18.15 -27.41
N MET A 327 15.95 -17.81 -26.48
CA MET A 327 14.70 -18.58 -26.33
C MET A 327 13.83 -18.45 -27.57
N ALA A 328 13.67 -17.23 -28.09
CA ALA A 328 12.88 -17.05 -29.30
C ALA A 328 13.47 -17.79 -30.48
N SER A 329 14.80 -17.76 -30.61
CA SER A 329 15.45 -18.51 -31.69
C SER A 329 15.31 -20.00 -31.50
N GLU A 330 15.30 -20.48 -30.24
CA GLU A 330 15.18 -21.90 -29.97
C GLU A 330 13.75 -22.40 -30.18
N PHE A 331 12.76 -21.56 -29.93
CA PHE A 331 11.39 -21.90 -30.29
C PHE A 331 11.25 -22.07 -31.80
N GLN A 332 11.90 -21.18 -32.55
CA GLN A 332 11.82 -21.24 -34.01
C GLN A 332 12.46 -22.51 -34.56
N ALA A 333 13.59 -22.94 -33.98
CA ALA A 333 14.29 -24.15 -34.41
C ALA A 333 13.50 -25.43 -34.10
N ARG A 334 12.36 -25.28 -33.44
CA ARG A 334 11.43 -26.35 -33.11
C ARG A 334 10.10 -26.13 -33.82
N ASP A 335 10.12 -25.26 -34.84
CA ASP A 335 9.00 -24.89 -35.70
C ASP A 335 7.79 -24.46 -34.86
N TYR A 336 8.08 -23.73 -33.79
CA TYR A 336 7.11 -22.93 -33.05
C TYR A 336 7.29 -21.48 -33.50
N GLU A 337 6.19 -20.83 -33.88
CA GLU A 337 6.28 -19.49 -34.46
C GLU A 337 6.27 -18.44 -33.36
N VAL A 338 7.24 -17.54 -33.39
CA VAL A 338 7.22 -16.35 -32.55
C VAL A 338 6.59 -15.24 -33.38
N VAL A 339 5.61 -14.54 -32.81
CA VAL A 339 4.74 -13.71 -33.64
C VAL A 339 5.50 -12.58 -34.29
N GLY A 340 6.49 -12.03 -33.59
CA GLY A 340 7.24 -10.92 -34.18
C GLY A 340 8.28 -11.45 -35.14
N GLY A 341 8.51 -12.75 -35.09
CA GLY A 341 9.60 -13.33 -35.89
C GLY A 341 10.90 -12.94 -35.23
N ARG A 342 10.80 -12.25 -34.10
CA ARG A 342 12.00 -11.72 -33.43
C ARG A 342 11.58 -11.33 -32.01
N SER A 343 12.54 -11.11 -31.13
CA SER A 343 12.17 -10.59 -29.79
C SER A 343 12.92 -9.30 -29.51
N GLU A 344 12.20 -8.23 -29.25
CA GLU A 344 12.82 -6.98 -28.76
C GLU A 344 12.13 -6.93 -27.42
N ASN A 345 12.63 -6.23 -26.41
CA ASN A 345 11.95 -6.27 -25.10
C ASN A 345 12.26 -7.58 -24.37
N HIS A 346 11.47 -7.88 -23.34
CA HIS A 346 11.67 -9.09 -22.50
C HIS A 346 10.63 -10.15 -22.84
N THR A 347 9.81 -9.93 -23.85
CA THR A 347 8.67 -10.86 -24.10
C THR A 347 8.78 -11.61 -25.42
N ILE A 348 8.43 -12.88 -25.39
CA ILE A 348 8.37 -13.68 -26.65
C ILE A 348 6.93 -14.19 -26.72
N LEU A 349 6.25 -13.94 -27.83
CA LEU A 349 4.88 -14.48 -27.99
C LEU A 349 4.96 -15.67 -28.95
N ILE A 350 4.61 -16.85 -28.47
CA ILE A 350 4.75 -18.05 -29.34
C ILE A 350 3.36 -18.47 -29.81
N ARG A 351 3.20 -18.68 -31.11
CA ARG A 351 1.92 -19.18 -31.59
C ARG A 351 1.89 -20.69 -31.42
N LEU A 352 0.84 -21.17 -30.78
CA LEU A 352 0.83 -22.51 -30.24
C LEU A 352 0.30 -23.49 -31.28
N ARG A 353 0.51 -24.78 -31.03
CA ARG A 353 0.21 -25.82 -32.01
C ARG A 353 -1.28 -25.83 -32.35
N ALA A 354 -1.62 -26.59 -33.39
CA ALA A 354 -2.95 -26.51 -33.97
C ALA A 354 -4.04 -26.83 -32.96
N ALA A 355 -3.93 -27.99 -32.29
CA ALA A 355 -4.93 -28.39 -31.31
C ALA A 355 -4.65 -27.84 -29.92
N MET A 356 -3.49 -27.24 -29.70
CA MET A 356 -3.12 -26.77 -28.37
C MET A 356 -3.69 -25.37 -28.13
N THR A 357 -4.41 -25.22 -27.02
CA THR A 357 -4.89 -23.93 -26.58
C THR A 357 -3.96 -23.37 -25.51
N GLY A 358 -3.87 -22.04 -25.45
CA GLY A 358 -3.04 -21.41 -24.43
C GLY A 358 -3.50 -21.76 -23.02
N ALA A 359 -4.81 -21.90 -22.82
CA ALA A 359 -5.32 -22.30 -21.52
C ALA A 359 -4.81 -23.68 -21.12
N ILE A 360 -4.85 -24.64 -22.05
CA ILE A 360 -4.37 -25.98 -21.77
C ILE A 360 -2.87 -25.95 -21.47
N ALA A 361 -2.11 -25.14 -22.21
CA ALA A 361 -0.68 -25.07 -22.02
C ALA A 361 -0.31 -24.57 -20.63
N GLU A 362 -0.90 -23.44 -20.22
CA GLU A 362 -0.51 -22.85 -18.94
C GLU A 362 -0.89 -23.74 -17.77
N THR A 363 -2.05 -24.40 -17.84
CA THR A 363 -2.46 -25.28 -16.75
C THR A 363 -1.59 -26.52 -16.67
N ALA A 364 -1.30 -27.14 -17.82
CA ALA A 364 -0.42 -28.31 -17.82
C ALA A 364 1.01 -27.93 -17.44
N LEU A 365 1.49 -26.79 -17.95
CA LEU A 365 2.86 -26.38 -17.66
C LEU A 365 3.04 -26.04 -16.18
N GLU A 366 2.02 -25.48 -15.53
CA GLU A 366 2.16 -25.20 -14.10
C GLU A 366 2.20 -26.48 -13.29
N HIS A 367 1.41 -27.49 -13.70
CA HIS A 367 1.44 -28.77 -13.03
C HIS A 367 2.81 -29.43 -13.15
N CYS A 368 3.62 -29.00 -14.12
CA CYS A 368 4.99 -29.45 -14.27
C CYS A 368 6.00 -28.46 -13.71
N GLY A 369 5.53 -27.43 -13.00
CA GLY A 369 6.43 -26.53 -12.29
C GLY A 369 6.83 -25.26 -13.02
N ILE A 370 6.33 -25.03 -14.23
CA ILE A 370 6.66 -23.85 -15.02
C ILE A 370 5.44 -22.96 -15.09
N VAL A 371 5.59 -21.68 -14.74
CA VAL A 371 4.48 -20.74 -14.84
C VAL A 371 4.68 -19.91 -16.11
N VAL A 372 3.65 -19.90 -16.96
CA VAL A 372 3.62 -19.08 -18.16
C VAL A 372 2.23 -18.47 -18.26
N ASN A 373 2.09 -17.51 -19.17
CA ASN A 373 0.84 -16.80 -19.33
C ASN A 373 0.30 -17.00 -20.73
N LYS A 374 -0.96 -17.43 -20.82
CA LYS A 374 -1.64 -17.52 -22.09
C LYS A 374 -1.85 -16.12 -22.67
N ASN A 375 -1.73 -16.01 -23.98
CA ASN A 375 -1.94 -14.72 -24.64
C ASN A 375 -2.62 -14.94 -25.99
N ARG A 376 -3.40 -13.94 -26.39
CA ARG A 376 -3.96 -13.93 -27.73
C ARG A 376 -2.83 -13.87 -28.76
N VAL A 377 -3.10 -14.46 -29.92
CA VAL A 377 -2.11 -14.46 -31.00
C VAL A 377 -2.71 -13.71 -32.19
N PRO A 378 -1.90 -13.05 -33.02
CA PRO A 378 -2.44 -12.47 -34.26
C PRO A 378 -3.22 -13.51 -35.06
N GLY A 379 -4.40 -13.12 -35.53
CA GLY A 379 -5.28 -14.07 -36.16
C GLY A 379 -5.96 -15.02 -35.19
N GLU A 380 -6.29 -14.55 -33.99
CA GLU A 380 -6.90 -15.41 -32.99
C GLU A 380 -8.31 -15.81 -33.41
N THR A 381 -8.56 -17.12 -33.44
CA THR A 381 -9.88 -17.65 -33.72
C THR A 381 -10.58 -18.15 -32.48
N ARG A 382 -10.00 -17.96 -31.30
CA ARG A 382 -10.48 -18.57 -30.08
C ARG A 382 -10.78 -17.49 -29.03
N SER A 383 -11.35 -17.92 -27.92
CA SER A 383 -11.83 -17.03 -26.89
C SER A 383 -10.66 -16.36 -26.17
N SER A 384 -10.99 -15.38 -25.33
CA SER A 384 -9.98 -14.78 -24.46
C SER A 384 -9.61 -15.70 -23.31
N PHE A 385 -10.57 -16.50 -22.87
CA PHE A 385 -10.38 -17.39 -21.74
C PHE A 385 -9.62 -18.63 -22.17
N VAL A 386 -9.77 -19.00 -23.44
CA VAL A 386 -9.06 -20.10 -24.08
C VAL A 386 -8.41 -19.53 -25.35
N THR A 387 -7.10 -19.31 -25.32
CA THR A 387 -6.38 -18.65 -26.38
C THR A 387 -5.70 -19.67 -27.29
N SER A 388 -4.85 -19.17 -28.20
CA SER A 388 -4.07 -20.02 -29.11
C SER A 388 -2.58 -19.69 -29.05
N GLY A 389 -2.11 -19.10 -27.95
CA GLY A 389 -0.69 -18.79 -27.81
C GLY A 389 -0.35 -18.63 -26.34
N LEU A 390 0.93 -18.39 -26.08
CA LEU A 390 1.37 -18.12 -24.72
C LEU A 390 2.45 -17.04 -24.74
N ARG A 391 2.54 -16.32 -23.63
CA ARG A 391 3.49 -15.22 -23.46
C ARG A 391 4.48 -15.57 -22.37
N ILE A 392 5.77 -15.35 -22.66
CA ILE A 392 6.86 -15.62 -21.74
C ILE A 392 7.75 -14.40 -21.62
N GLY A 393 8.17 -14.11 -20.40
CA GLY A 393 9.09 -13.01 -20.13
C GLY A 393 10.35 -13.53 -19.46
N THR A 394 11.49 -12.99 -19.87
CA THR A 394 12.78 -13.43 -19.38
C THR A 394 13.24 -12.66 -18.14
N GLY A 395 12.31 -12.01 -17.43
CA GLY A 395 12.66 -11.20 -16.29
C GLY A 395 13.22 -11.96 -15.12
N ALA A 396 12.43 -12.90 -14.57
CA ALA A 396 12.90 -13.68 -13.43
C ALA A 396 13.98 -14.67 -13.81
N LEU A 397 14.13 -14.99 -15.10
CA LEU A 397 15.24 -15.82 -15.54
C LEU A 397 16.56 -15.09 -15.43
N ALA A 398 16.56 -13.77 -15.68
CA ALA A 398 17.78 -13.00 -15.51
C ALA A 398 18.22 -12.97 -14.05
N GLN A 399 17.27 -12.90 -13.13
CA GLN A 399 17.58 -12.98 -11.71
C GLN A 399 18.12 -14.36 -11.33
N ARG A 400 17.87 -15.37 -12.15
CA ARG A 400 18.40 -16.71 -11.94
C ARG A 400 19.74 -16.92 -12.65
N HIS A 401 20.25 -15.90 -13.35
CA HIS A 401 21.54 -15.96 -14.02
C HIS A 401 21.63 -17.16 -14.96
N VAL A 402 20.54 -17.40 -15.69
CA VAL A 402 20.52 -18.52 -16.63
C VAL A 402 21.40 -18.20 -17.83
N ASP A 403 22.30 -19.13 -18.16
CA ASP A 403 23.14 -18.98 -19.33
C ASP A 403 22.34 -19.33 -20.59
N ALA A 404 22.96 -19.14 -21.75
CA ALA A 404 22.29 -19.48 -23.00
C ALA A 404 21.93 -20.95 -23.05
N GLN A 405 22.77 -21.81 -22.47
CA GLN A 405 22.48 -23.24 -22.44
C GLN A 405 21.21 -23.53 -21.63
N GLY A 406 21.05 -22.86 -20.48
CA GLY A 406 19.87 -23.09 -19.67
C GLY A 406 18.58 -22.67 -20.35
N CYS A 407 18.62 -21.53 -21.05
CA CYS A 407 17.45 -21.09 -21.79
C CYS A 407 17.02 -22.13 -22.82
N ARG A 408 17.98 -22.74 -23.50
CA ARG A 408 17.67 -23.79 -24.46
C ARG A 408 17.15 -25.05 -23.76
N GLN A 409 17.60 -25.31 -22.53
CA GLN A 409 17.05 -26.43 -21.77
C GLN A 409 15.59 -26.18 -21.39
N ILE A 410 15.23 -24.93 -21.13
CA ILE A 410 13.86 -24.61 -20.75
C ILE A 410 12.91 -24.78 -21.94
N VAL A 411 13.32 -24.29 -23.11
CA VAL A 411 12.53 -24.53 -24.32
C VAL A 411 12.36 -26.03 -24.55
N ASP A 412 13.42 -26.80 -24.30
CA ASP A 412 13.34 -28.25 -24.43
C ASP A 412 12.28 -28.85 -23.52
N LEU A 413 12.34 -28.52 -22.23
CA LEU A 413 11.37 -29.05 -21.28
C LEU A 413 9.96 -28.59 -21.61
N LEU A 414 9.81 -27.32 -21.98
CA LEU A 414 8.49 -26.78 -22.26
C LEU A 414 7.87 -27.42 -23.50
N CYS A 415 8.65 -27.55 -24.58
CA CYS A 415 8.13 -28.19 -25.79
C CYS A 415 7.88 -29.67 -25.58
N ARG A 416 8.65 -30.31 -24.70
CA ARG A 416 8.43 -31.73 -24.43
C ARG A 416 7.17 -31.96 -23.62
N ILE A 417 6.88 -31.08 -22.66
CA ILE A 417 5.63 -31.18 -21.90
C ILE A 417 4.43 -31.04 -22.83
N LEU A 418 4.53 -30.13 -23.79
CA LEU A 418 3.42 -29.90 -24.71
C LEU A 418 3.21 -31.09 -25.64
N ASP A 419 4.29 -31.74 -26.07
CA ASP A 419 4.16 -32.91 -26.93
C ASP A 419 3.52 -34.10 -26.22
N GLU A 420 3.49 -34.08 -24.88
CA GLU A 420 2.88 -35.15 -24.10
C GLU A 420 1.47 -34.82 -23.64
N VAL A 421 0.96 -33.64 -23.95
CA VAL A 421 -0.37 -33.22 -23.53
C VAL A 421 -1.34 -33.54 -24.65
N THR A 422 -2.39 -34.29 -24.31
CA THR A 422 -3.39 -34.63 -25.31
C THR A 422 -4.61 -33.76 -25.04
N PRO A 423 -4.84 -32.70 -25.83
CA PRO A 423 -5.97 -31.81 -25.53
C PRO A 423 -7.31 -32.52 -25.71
N LEU A 424 -8.23 -32.25 -24.79
CA LEU A 424 -9.59 -32.80 -24.82
C LEU A 424 -10.55 -31.63 -24.74
N GLY A 425 -10.91 -31.05 -25.88
CA GLY A 425 -11.68 -29.84 -25.86
C GLY A 425 -10.76 -28.63 -25.89
N GLU A 426 -11.13 -27.57 -25.17
CA GLU A 426 -10.33 -26.35 -25.19
C GLU A 426 -9.90 -25.87 -23.82
N SER A 427 -10.35 -26.51 -22.73
CA SER A 427 -9.82 -26.21 -21.41
C SER A 427 -9.56 -27.48 -20.60
N GLU A 428 -9.68 -28.66 -21.20
CA GLU A 428 -9.38 -29.93 -20.55
C GLU A 428 -8.21 -30.60 -21.28
N PHE A 429 -7.55 -31.52 -20.58
CA PHE A 429 -6.40 -32.22 -21.15
C PHE A 429 -6.11 -33.47 -20.34
N THR A 430 -5.27 -34.34 -20.90
CA THR A 430 -4.70 -35.48 -20.18
C THR A 430 -3.19 -35.38 -20.20
N LEU A 431 -2.59 -35.50 -19.02
CA LEU A 431 -1.16 -35.68 -18.88
C LEU A 431 -0.96 -36.82 -17.89
N ASP A 432 -0.28 -37.87 -18.32
CA ASP A 432 -0.07 -39.02 -17.47
C ASP A 432 0.64 -38.57 -16.19
N PRO A 433 0.16 -38.96 -15.01
CA PRO A 433 0.79 -38.48 -13.76
C PRO A 433 2.29 -38.74 -13.70
N ALA A 434 2.75 -39.87 -14.23
CA ALA A 434 4.18 -40.18 -14.19
C ALA A 434 4.99 -39.17 -14.99
N LEU A 435 4.53 -38.85 -16.21
CA LEU A 435 5.24 -37.88 -17.02
C LEU A 435 5.22 -36.49 -16.38
N ARG A 436 4.10 -36.15 -15.73
CA ARG A 436 4.03 -34.87 -15.03
C ARG A 436 5.06 -34.79 -13.90
N LYS A 437 5.17 -35.87 -13.11
CA LYS A 437 6.15 -35.89 -12.03
C LYS A 437 7.56 -35.79 -12.57
N GLN A 438 7.85 -36.49 -13.67
CA GLN A 438 9.18 -36.44 -14.27
C GLN A 438 9.50 -35.03 -14.77
N PHE A 439 8.54 -34.38 -15.43
CA PHE A 439 8.76 -33.02 -15.91
C PHE A 439 8.91 -32.04 -14.76
N CYS A 440 8.09 -32.20 -13.71
CA CYS A 440 8.19 -31.30 -12.56
C CYS A 440 9.55 -31.42 -11.90
N ALA A 441 10.18 -32.59 -11.96
CA ALA A 441 11.50 -32.77 -11.38
C ALA A 441 12.59 -32.14 -12.24
N GLU A 442 12.45 -32.20 -13.58
CA GLU A 442 13.41 -31.51 -14.44
C GLU A 442 13.37 -30.00 -14.22
N ALA A 443 12.16 -29.46 -14.00
CA ALA A 443 12.04 -28.03 -13.75
C ALA A 443 12.70 -27.63 -12.45
N GLU A 444 12.43 -28.37 -11.37
CA GLU A 444 13.08 -28.07 -10.09
C GLU A 444 14.59 -28.25 -10.18
N ALA A 445 15.05 -29.21 -10.99
CA ALA A 445 16.48 -29.37 -11.20
C ALA A 445 17.08 -28.14 -11.88
N LEU A 446 16.37 -27.58 -12.86
CA LEU A 446 16.82 -26.34 -13.49
C LEU A 446 16.77 -25.18 -12.52
N CYS A 447 15.83 -25.20 -11.58
CA CYS A 447 15.78 -24.16 -10.55
C CYS A 447 16.99 -24.25 -9.63
N VAL A 448 17.46 -25.46 -9.35
CA VAL A 448 18.63 -25.63 -8.50
C VAL A 448 19.91 -25.24 -9.23
N LYS A 449 20.05 -25.64 -10.51
CA LYS A 449 21.24 -25.30 -11.28
C LYS A 449 21.38 -23.80 -11.46
N TYR A 450 20.27 -23.08 -11.61
CA TYR A 450 20.25 -21.62 -11.74
C TYR A 450 19.34 -21.07 -10.66
N PRO A 451 19.87 -20.81 -9.48
CA PRO A 451 19.04 -20.22 -8.41
C PRO A 451 18.95 -18.70 -8.55
N ILE A 452 17.97 -18.14 -7.85
CA ILE A 452 17.86 -16.69 -7.73
C ILE A 452 19.06 -16.21 -6.93
N ALA A 453 19.98 -15.52 -7.60
CA ALA A 453 21.30 -15.26 -7.00
C ALA A 453 21.19 -14.32 -5.81
N ASP A 454 20.49 -13.19 -5.96
CA ASP A 454 20.39 -12.24 -4.86
C ASP A 454 19.65 -12.82 -3.67
N TYR A 455 18.80 -13.82 -3.89
CA TYR A 455 18.20 -14.60 -2.81
C TYR A 455 19.10 -15.81 -2.55
N LEU A 456 20.08 -15.65 -1.68
CA LEU A 456 20.90 -16.79 -1.28
C LEU A 456 21.55 -16.57 0.08
N LEU B 16 16.00 -21.27 1.26
CA LEU B 16 16.22 -20.08 2.06
C LEU B 16 15.18 -19.85 3.14
N THR B 17 15.45 -18.86 3.97
CA THR B 17 14.55 -18.42 5.02
C THR B 17 14.33 -16.92 4.94
N GLN B 18 13.16 -16.49 5.44
CA GLN B 18 12.79 -15.08 5.41
C GLN B 18 13.79 -14.24 6.17
N ALA B 19 14.29 -14.74 7.30
CA ALA B 19 15.27 -13.99 8.08
C ALA B 19 16.55 -13.76 7.31
N ASP B 20 17.11 -14.82 6.72
CA ASP B 20 18.38 -14.70 6.02
C ASP B 20 18.27 -13.80 4.80
N LEU B 21 17.18 -13.92 4.05
CA LEU B 21 16.91 -13.01 2.95
C LEU B 21 16.95 -11.56 3.43
N LEU B 22 16.32 -11.31 4.57
CA LEU B 22 16.24 -9.97 5.14
C LEU B 22 17.53 -9.51 5.79
N LYS B 23 18.23 -10.41 6.49
CA LYS B 23 19.53 -10.04 7.07
C LYS B 23 20.51 -9.68 5.96
N ARG B 24 20.49 -10.40 4.84
CA ARG B 24 21.27 -10.00 3.67
C ARG B 24 20.74 -8.70 3.08
N GLY B 25 19.42 -8.55 3.06
CA GLY B 25 18.84 -7.30 2.58
C GLY B 25 19.26 -6.11 3.42
N LEU B 26 19.22 -6.25 4.74
CA LEU B 26 19.68 -5.19 5.63
C LEU B 26 21.17 -4.92 5.43
N ALA B 27 21.97 -5.99 5.30
CA ALA B 27 23.39 -5.82 5.03
C ALA B 27 23.62 -5.20 3.66
N ASP B 28 22.86 -5.63 2.65
CA ASP B 28 22.99 -5.03 1.33
C ASP B 28 22.64 -3.54 1.37
N LEU B 29 21.59 -3.18 2.10
CA LEU B 29 21.30 -1.77 2.26
C LEU B 29 22.14 -1.16 3.38
N GLN B 30 23.43 -1.55 3.45
CA GLN B 30 24.36 -0.72 4.22
C GLN B 30 25.73 -0.60 3.52
N GLU B 31 26.17 -1.66 2.80
CA GLU B 31 27.40 -1.55 2.00
C GLU B 31 27.19 -0.59 0.82
N HIS B 32 26.13 -0.86 0.06
CA HIS B 32 25.92 -0.36 -1.28
C HIS B 32 25.01 0.86 -1.31
N ASP B 33 23.90 0.84 -0.59
CA ASP B 33 23.07 2.03 -0.40
C ASP B 33 23.22 2.44 1.06
N ALA B 34 24.05 3.43 1.31
CA ALA B 34 24.33 3.92 2.66
C ALA B 34 23.67 5.25 2.97
N GLU B 35 23.59 6.14 1.97
CA GLU B 35 22.82 7.37 2.11
C GLU B 35 21.43 7.09 2.65
N LEU B 36 20.77 6.07 2.09
CA LEU B 36 19.43 5.70 2.54
C LEU B 36 19.47 5.09 3.93
N ALA B 37 20.48 4.27 4.22
CA ALA B 37 20.55 3.61 5.52
C ALA B 37 20.67 4.62 6.65
N ARG B 38 21.45 5.68 6.45
CA ARG B 38 21.57 6.72 7.47
C ARG B 38 20.25 7.44 7.69
N ILE B 39 19.53 7.76 6.61
CA ILE B 39 18.26 8.47 6.74
C ILE B 39 17.25 7.63 7.51
N LEU B 40 17.15 6.35 7.18
CA LEU B 40 16.22 5.47 7.89
C LEU B 40 16.67 5.22 9.32
N ASP B 41 17.98 5.10 9.54
CA ASP B 41 18.48 4.96 10.90
C ASP B 41 18.38 6.27 11.68
N ALA B 42 18.44 7.41 10.99
CA ALA B 42 18.24 8.68 11.67
C ALA B 42 16.82 8.80 12.22
N GLU B 43 15.84 8.30 11.47
CA GLU B 43 14.44 8.49 11.84
C GLU B 43 14.08 7.71 13.11
N VAL B 44 14.59 6.48 13.25
CA VAL B 44 14.29 5.71 14.46
C VAL B 44 14.86 6.40 15.69
N ALA B 45 15.99 7.11 15.54
CA ALA B 45 16.52 7.90 16.64
C ALA B 45 15.64 9.11 16.92
N ARG B 46 15.14 9.77 15.87
CA ARG B 46 14.26 10.92 16.06
C ARG B 46 13.03 10.54 16.86
N GLN B 47 12.47 9.38 16.58
CA GLN B 47 11.26 8.95 17.27
C GLN B 47 11.54 8.55 18.72
N GLN B 48 12.79 8.21 19.04
CA GLN B 48 13.12 7.85 20.43
C GLN B 48 13.34 9.08 21.32
N ARG B 49 13.86 10.18 20.79
CA ARG B 49 13.95 11.44 21.53
C ARG B 49 12.74 12.35 21.42
N THR B 50 11.73 12.03 20.63
CA THR B 50 10.54 12.88 20.59
C THR B 50 9.45 12.28 21.47
N LEU B 51 8.94 13.10 22.38
CA LEU B 51 7.85 12.69 23.27
C LEU B 51 6.54 12.99 22.55
N SER B 52 5.80 11.95 22.22
CA SER B 52 4.58 12.08 21.43
C SER B 52 3.38 11.89 22.34
N LEU B 53 2.52 12.91 22.40
CA LEU B 53 1.24 12.81 23.08
C LEU B 53 0.10 12.73 22.08
N VAL B 54 0.41 12.60 20.79
CA VAL B 54 -0.61 12.51 19.76
C VAL B 54 -1.44 11.23 19.92
N ALA B 55 -2.71 11.33 19.51
CA ALA B 55 -3.72 10.37 19.93
C ALA B 55 -3.46 8.98 19.34
N SER B 56 -3.23 8.90 18.03
CA SER B 56 -3.18 7.61 17.35
C SER B 56 -1.84 7.28 16.74
N CYS B 57 -0.84 8.17 16.84
CA CYS B 57 0.50 7.81 16.40
C CYS B 57 1.10 6.77 17.34
N CYS B 58 1.66 5.71 16.76
CA CYS B 58 2.30 4.67 17.54
C CYS B 58 3.44 4.08 16.71
N ALA B 59 4.23 3.21 17.35
CA ALA B 59 5.39 2.60 16.72
C ALA B 59 5.12 1.13 16.51
N VAL B 60 5.09 0.70 15.24
CA VAL B 60 4.78 -0.68 14.91
C VAL B 60 5.77 -1.62 15.57
N LYS B 61 5.26 -2.76 16.06
CA LYS B 61 6.12 -3.73 16.72
C LYS B 61 7.12 -4.33 15.74
N PRO B 62 8.35 -4.61 16.18
CA PRO B 62 9.35 -5.16 15.25
C PRO B 62 8.92 -6.48 14.64
N ARG B 63 8.20 -7.31 15.41
CA ARG B 63 7.72 -8.59 14.91
C ARG B 63 6.78 -8.38 13.72
N THR B 64 5.87 -7.41 13.83
CA THR B 64 5.01 -7.07 12.70
C THR B 64 5.81 -6.44 11.56
N LEU B 65 6.84 -5.65 11.88
CA LEU B 65 7.66 -5.02 10.85
C LEU B 65 8.42 -6.05 10.02
N ALA B 66 8.99 -7.06 10.67
CA ALA B 66 9.77 -8.06 9.94
C ALA B 66 8.88 -8.85 8.98
N ALA B 67 7.64 -9.11 9.37
CA ALA B 67 6.70 -9.79 8.47
C ALA B 67 6.45 -8.97 7.21
N SER B 68 6.60 -7.65 7.28
CA SER B 68 6.36 -6.78 6.14
C SER B 68 7.41 -6.90 5.05
N SER B 69 8.55 -7.55 5.32
CA SER B 69 9.55 -7.80 4.30
C SER B 69 9.43 -9.21 3.73
N SER B 70 8.23 -9.77 3.77
CA SER B 70 7.96 -11.07 3.16
C SER B 70 8.27 -11.03 1.66
N ALA B 71 8.68 -12.18 1.14
CA ALA B 71 8.79 -12.37 -0.31
C ALA B 71 7.44 -12.66 -0.95
N LEU B 72 6.38 -12.73 -0.16
CA LEU B 72 5.02 -12.80 -0.69
C LEU B 72 4.66 -11.54 -1.48
N VAL B 73 5.43 -10.48 -1.33
CA VAL B 73 5.29 -9.30 -2.19
C VAL B 73 5.46 -9.71 -3.65
N ASN B 74 6.32 -10.70 -3.93
CA ASN B 74 6.57 -11.14 -5.29
C ASN B 74 5.40 -11.93 -5.89
N VAL B 75 4.40 -12.27 -5.10
CA VAL B 75 3.21 -12.95 -5.60
C VAL B 75 2.19 -11.90 -6.04
N THR B 76 1.74 -12.00 -7.28
CA THR B 76 0.75 -11.08 -7.82
C THR B 76 -0.61 -11.30 -7.17
N ALA B 87 -0.72 -24.31 -7.87
CA ALA B 87 -1.15 -23.03 -7.34
C ALA B 87 0.01 -22.28 -6.70
N GLY B 88 0.25 -21.06 -7.19
CA GLY B 88 1.18 -20.15 -6.55
C GLY B 88 0.56 -19.28 -5.48
N CYS B 89 -0.77 -19.38 -5.29
CA CYS B 89 -1.52 -18.58 -4.33
C CYS B 89 -1.88 -19.36 -3.07
N GLU B 90 -1.45 -20.61 -2.96
CA GLU B 90 -1.66 -21.35 -1.73
C GLU B 90 -1.03 -20.67 -0.52
N ASN B 91 0.27 -20.39 -0.51
CA ASN B 91 0.81 -19.77 0.70
C ASN B 91 0.18 -18.40 0.99
N VAL B 92 -0.22 -17.64 -0.05
CA VAL B 92 -0.92 -16.38 0.21
C VAL B 92 -2.28 -16.67 0.81
N ASP B 93 -2.91 -17.77 0.37
CA ASP B 93 -4.15 -18.21 1.00
C ASP B 93 -3.91 -18.65 2.43
N LEU B 94 -2.75 -19.26 2.71
CA LEU B 94 -2.50 -19.69 4.08
C LEU B 94 -2.32 -18.48 5.00
N VAL B 95 -1.59 -17.46 4.54
CA VAL B 95 -1.44 -16.23 5.31
C VAL B 95 -2.80 -15.57 5.50
N GLU B 96 -3.58 -15.49 4.42
CA GLU B 96 -4.87 -14.82 4.51
C GLU B 96 -5.76 -15.50 5.53
N SER B 97 -5.86 -16.82 5.47
CA SER B 97 -6.72 -17.57 6.38
C SER B 97 -6.28 -17.39 7.83
N LEU B 98 -4.97 -17.34 8.09
CA LEU B 98 -4.49 -17.08 9.44
C LEU B 98 -4.96 -15.70 9.92
N ALA B 99 -4.90 -14.69 9.05
CA ALA B 99 -5.38 -13.38 9.42
C ALA B 99 -6.89 -13.37 9.64
N ILE B 100 -7.65 -14.09 8.81
CA ILE B 100 -9.10 -14.13 9.00
C ILE B 100 -9.44 -14.76 10.34
N GLN B 101 -8.83 -15.90 10.64
CA GLN B 101 -9.17 -16.61 11.87
C GLN B 101 -8.71 -15.85 13.11
N ARG B 102 -7.55 -15.20 13.04
CA ARG B 102 -7.11 -14.37 14.15
C ARG B 102 -8.02 -13.17 14.35
N ALA B 103 -8.41 -12.51 13.25
CA ALA B 103 -9.29 -11.35 13.36
C ALA B 103 -10.65 -11.73 13.93
N ARG B 104 -11.18 -12.89 13.50
CA ARG B 104 -12.48 -13.32 13.99
C ARG B 104 -12.45 -13.63 15.48
N GLU B 105 -11.39 -14.30 15.94
CA GLU B 105 -11.29 -14.59 17.36
C GLU B 105 -10.96 -13.36 18.18
N LEU B 106 -10.17 -12.44 17.62
CA LEU B 106 -9.70 -11.32 18.42
C LEU B 106 -10.85 -10.39 18.78
N PHE B 107 -11.74 -10.12 17.82
CA PHE B 107 -12.89 -9.24 18.01
C PHE B 107 -14.19 -10.00 18.23
N GLY B 108 -14.16 -11.32 18.23
CA GLY B 108 -15.39 -12.10 18.34
C GLY B 108 -16.32 -11.96 17.15
N ALA B 109 -15.77 -11.94 15.95
CA ALA B 109 -16.53 -11.66 14.74
C ALA B 109 -16.82 -12.95 13.96
N GLN B 110 -17.95 -12.95 13.26
CA GLN B 110 -18.32 -14.07 12.40
C GLN B 110 -17.89 -13.89 10.95
N TYR B 111 -17.41 -12.71 10.58
CA TYR B 111 -16.84 -12.47 9.26
C TYR B 111 -15.68 -11.49 9.37
N ALA B 112 -14.66 -11.70 8.54
CA ALA B 112 -13.51 -10.82 8.52
C ALA B 112 -12.94 -10.73 7.10
N GLY B 113 -12.42 -9.56 6.76
CA GLY B 113 -11.72 -9.33 5.51
C GLY B 113 -10.45 -8.53 5.73
N VAL B 114 -9.31 -9.05 5.25
CA VAL B 114 -8.01 -8.53 5.66
C VAL B 114 -7.21 -8.01 4.47
N GLN B 115 -7.85 -7.72 3.34
CA GLN B 115 -7.15 -7.33 2.12
C GLN B 115 -7.15 -5.82 1.88
N SER B 116 -7.49 -5.02 2.90
CA SER B 116 -7.65 -3.59 2.72
C SER B 116 -6.30 -2.89 2.88
N HIS B 117 -5.86 -2.20 1.81
CA HIS B 117 -4.63 -1.43 1.88
C HIS B 117 -4.71 -0.33 2.93
N SER B 118 -5.92 0.19 3.17
CA SER B 118 -6.12 1.34 4.03
C SER B 118 -7.29 1.08 4.96
N ALA B 119 -7.32 1.83 6.07
CA ALA B 119 -8.57 1.99 6.81
C ALA B 119 -9.60 2.74 5.98
N SER B 120 -9.16 3.80 5.29
CA SER B 120 -10.06 4.52 4.40
C SER B 120 -10.52 3.65 3.24
N SER B 121 -9.61 2.83 2.70
CA SER B 121 -9.99 1.89 1.65
C SER B 121 -11.06 0.92 2.14
N ALA B 122 -10.92 0.44 3.38
CA ALA B 122 -11.93 -0.45 3.95
C ALA B 122 -13.27 0.27 4.11
N ASN B 123 -13.25 1.52 4.59
CA ASN B 123 -14.49 2.27 4.75
C ASN B 123 -15.14 2.55 3.41
N TYR B 124 -14.36 2.95 2.41
CA TYR B 124 -14.91 3.19 1.08
C TYR B 124 -15.45 1.90 0.47
N GLN B 125 -14.73 0.79 0.66
CA GLN B 125 -15.13 -0.48 0.06
C GLN B 125 -16.46 -0.98 0.63
N VAL B 126 -16.64 -0.87 1.95
CA VAL B 126 -17.89 -1.32 2.55
C VAL B 126 -19.04 -0.40 2.15
N LEU B 127 -18.78 0.91 2.04
CA LEU B 127 -19.80 1.86 1.61
C LEU B 127 -20.29 1.54 0.21
N ALA B 128 -19.36 1.26 -0.72
CA ALA B 128 -19.74 0.94 -2.09
C ALA B 128 -20.53 -0.36 -2.16
N ALA B 129 -20.13 -1.36 -1.37
CA ALA B 129 -20.82 -2.65 -1.41
C ALA B 129 -22.25 -2.52 -0.91
N LEU B 130 -22.47 -1.70 0.13
CA LEU B 130 -23.77 -1.65 0.77
C LEU B 130 -24.64 -0.48 0.34
N LEU B 131 -24.10 0.54 -0.34
CA LEU B 131 -24.96 1.62 -0.78
C LEU B 131 -24.95 1.68 -2.31
N GLU B 132 -26.14 1.89 -2.86
CA GLU B 132 -26.34 2.14 -4.28
C GLU B 132 -25.98 3.59 -4.59
N PRO B 133 -25.59 3.90 -5.83
CA PRO B 133 -25.25 5.27 -6.18
C PRO B 133 -26.37 6.26 -5.83
N GLY B 134 -25.99 7.33 -5.15
CA GLY B 134 -26.93 8.35 -4.72
C GLY B 134 -27.55 8.13 -3.35
N ASP B 135 -27.25 7.02 -2.68
CA ASP B 135 -27.83 6.76 -1.38
C ASP B 135 -27.26 7.74 -0.34
N THR B 136 -28.04 7.94 0.73
CA THR B 136 -27.71 8.90 1.77
C THR B 136 -27.12 8.18 2.97
N LEU B 137 -26.00 8.73 3.47
CA LEU B 137 -25.34 8.17 4.67
C LEU B 137 -25.32 9.19 5.82
N LEU B 138 -25.84 8.85 6.99
CA LEU B 138 -25.71 9.74 8.16
C LEU B 138 -24.38 9.37 8.78
N GLY B 139 -23.33 9.96 8.28
CA GLY B 139 -21.99 9.55 8.73
C GLY B 139 -21.65 10.06 10.10
N MET B 140 -22.40 11.02 10.64
CA MET B 140 -22.01 11.61 11.93
C MET B 140 -20.51 11.84 11.80
N ALA B 141 -20.10 12.47 10.72
CA ALA B 141 -18.66 12.58 10.45
C ALA B 141 -17.97 13.55 11.38
N LEU B 142 -18.68 14.53 11.93
CA LEU B 142 -18.02 15.60 12.73
C LEU B 142 -16.79 16.08 11.97
N ASP B 143 -16.87 16.16 10.63
CA ASP B 143 -15.68 16.51 9.81
C ASP B 143 -14.47 15.69 10.28
N GLY B 158 -19.65 12.90 -8.55
CA GLY B 158 -20.20 12.57 -7.25
C GLY B 158 -21.05 11.32 -7.26
N THR B 159 -21.04 10.57 -6.16
CA THR B 159 -21.77 9.32 -6.11
C THR B 159 -22.69 9.17 -4.90
N TYR B 160 -22.30 9.70 -3.74
CA TYR B 160 -23.10 9.50 -2.53
C TYR B 160 -23.32 10.82 -1.80
N TYR B 161 -24.48 10.91 -1.14
CA TYR B 161 -24.89 12.10 -0.40
C TYR B 161 -24.65 11.89 1.09
N LYS B 162 -24.01 12.87 1.74
CA LYS B 162 -23.63 12.69 3.16
C LYS B 162 -24.32 13.68 4.08
N ALA B 163 -24.99 13.17 5.11
CA ALA B 163 -25.59 14.09 6.11
C ALA B 163 -24.53 14.28 7.19
N ILE B 164 -24.25 15.54 7.55
CA ILE B 164 -23.13 15.84 8.48
C ILE B 164 -23.25 14.97 9.73
N GLY B 165 -24.39 15.02 10.41
CA GLY B 165 -24.60 14.17 11.59
C GLY B 165 -23.99 14.79 12.80
N TYR B 166 -23.16 15.81 12.59
CA TYR B 166 -22.56 16.58 13.70
C TYR B 166 -22.16 15.62 14.81
N GLY B 167 -22.62 15.92 16.01
CA GLY B 167 -22.35 14.98 17.12
C GLY B 167 -21.51 15.62 18.19
N THR B 168 -21.28 16.93 18.13
CA THR B 168 -20.59 17.54 19.25
C THR B 168 -21.53 18.35 20.14
N THR B 169 -22.83 18.33 19.83
CA THR B 169 -23.74 19.32 20.40
C THR B 169 -23.90 19.17 21.90
N LYS B 170 -23.86 17.95 22.42
CA LYS B 170 -24.10 17.75 23.84
C LYS B 170 -22.89 18.13 24.69
N GLU B 171 -22.36 19.34 24.48
CA GLU B 171 -21.25 19.88 25.25
C GLU B 171 -20.11 18.87 25.39
N GLY B 172 -19.65 18.36 24.24
CA GLY B 172 -18.59 17.39 24.19
C GLY B 172 -19.03 15.95 24.07
N LEU B 173 -20.33 15.68 24.14
CA LEU B 173 -20.86 14.34 23.91
C LEU B 173 -21.43 14.21 22.51
N ILE B 174 -21.50 12.97 22.04
CA ILE B 174 -22.18 12.70 20.78
C ILE B 174 -23.64 13.05 20.93
N ASP B 175 -24.15 13.88 20.00
CA ASP B 175 -25.57 14.23 20.01
C ASP B 175 -26.36 13.10 19.35
N TYR B 176 -26.49 12.01 20.11
CA TYR B 176 -27.26 10.86 19.64
C TYR B 176 -28.70 11.25 19.31
N ASP B 177 -29.25 12.21 20.03
CA ASP B 177 -30.63 12.63 19.79
C ASP B 177 -30.79 13.27 18.42
N GLU B 178 -29.77 14.00 17.97
CA GLU B 178 -29.82 14.54 16.60
C GLU B 178 -29.59 13.44 15.57
N VAL B 179 -28.74 12.47 15.90
CA VAL B 179 -28.57 11.32 15.01
C VAL B 179 -29.91 10.69 14.73
N ARG B 180 -30.70 10.49 15.78
CA ARG B 180 -32.04 9.93 15.63
C ARG B 180 -32.97 10.87 14.86
N ARG B 181 -32.90 12.17 15.12
CA ARG B 181 -33.82 13.11 14.49
C ARG B 181 -33.57 13.11 12.98
N LEU B 182 -32.31 13.36 12.60
CA LEU B 182 -31.87 13.31 11.20
C LEU B 182 -32.13 11.95 10.58
N ALA B 183 -31.88 10.88 11.33
CA ALA B 183 -32.10 9.53 10.79
C ALA B 183 -33.55 9.34 10.39
N LEU B 184 -34.49 9.80 11.23
CA LEU B 184 -35.89 9.69 10.88
C LEU B 184 -36.25 10.62 9.72
N GLU B 185 -35.64 11.82 9.68
CA GLU B 185 -36.00 12.79 8.65
C GLU B 185 -35.46 12.39 7.27
N HIS B 186 -34.18 11.99 7.21
CA HIS B 186 -33.55 11.72 5.93
C HIS B 186 -33.56 10.25 5.54
N ARG B 187 -33.97 9.35 6.43
CA ARG B 187 -33.92 7.90 6.23
C ARG B 187 -32.64 7.46 5.53
N PRO B 188 -31.48 7.59 6.18
CA PRO B 188 -30.24 7.14 5.54
C PRO B 188 -30.22 5.63 5.38
N ARG B 189 -29.55 5.17 4.32
CA ARG B 189 -29.30 3.74 4.18
C ARG B 189 -28.23 3.28 5.16
N LEU B 190 -27.29 4.16 5.51
CA LEU B 190 -26.18 3.84 6.40
C LEU B 190 -26.01 4.93 7.45
N ILE B 191 -25.75 4.51 8.68
CA ILE B 191 -25.31 5.39 9.75
C ILE B 191 -23.92 4.93 10.19
N ILE B 192 -22.99 5.87 10.29
CA ILE B 192 -21.60 5.57 10.63
C ILE B 192 -21.29 6.13 12.00
N CYS B 193 -20.61 5.34 12.82
CA CYS B 193 -20.18 5.77 14.15
C CYS B 193 -18.70 5.49 14.31
N GLY B 194 -18.08 6.23 15.22
CA GLY B 194 -16.62 6.15 15.45
C GLY B 194 -16.04 7.53 15.30
N ALA B 195 -15.33 7.98 16.34
CA ALA B 195 -14.86 9.35 16.43
C ALA B 195 -13.36 9.39 16.68
N THR B 196 -12.70 10.34 16.02
CA THR B 196 -11.25 10.49 16.17
C THR B 196 -10.88 11.14 17.50
N ALA B 197 -11.66 12.14 17.93
CA ALA B 197 -11.28 12.99 19.05
C ALA B 197 -12.23 12.87 20.24
N TYR B 198 -13.13 11.90 20.24
CA TYR B 198 -14.01 11.67 21.37
C TYR B 198 -13.21 11.05 22.52
N SER B 199 -13.48 11.50 23.74
CA SER B 199 -12.77 11.04 24.92
C SER B 199 -13.63 10.17 25.82
N ARG B 200 -14.74 9.65 25.31
CA ARG B 200 -15.70 8.92 26.11
C ARG B 200 -16.26 7.78 25.27
N VAL B 201 -16.93 6.82 25.94
CA VAL B 201 -17.31 5.59 25.25
C VAL B 201 -18.44 5.86 24.26
N VAL B 202 -18.31 5.30 23.07
CA VAL B 202 -19.35 5.38 22.05
C VAL B 202 -20.38 4.28 22.30
N ASP B 203 -21.64 4.67 22.45
CA ASP B 203 -22.72 3.72 22.71
C ASP B 203 -23.18 3.14 21.37
N PHE B 204 -22.43 2.12 20.91
CA PHE B 204 -22.79 1.45 19.66
C PHE B 204 -24.18 0.85 19.72
N GLU B 205 -24.59 0.37 20.91
CA GLU B 205 -25.93 -0.18 21.06
C GLU B 205 -26.99 0.90 20.83
N ARG B 206 -26.72 2.11 21.31
CA ARG B 206 -27.65 3.23 21.12
C ARG B 206 -27.79 3.58 19.64
N PHE B 207 -26.68 3.57 18.90
CA PHE B 207 -26.76 3.77 17.46
C PHE B 207 -27.60 2.69 16.79
N ARG B 208 -27.40 1.43 17.19
CA ARG B 208 -28.18 0.34 16.64
C ARG B 208 -29.67 0.53 16.91
N GLN B 209 -30.00 0.99 18.12
CA GLN B 209 -31.39 1.37 18.40
C GLN B 209 -31.85 2.45 17.44
N ILE B 210 -31.04 3.49 17.25
CA ILE B 210 -31.36 4.54 16.28
C ILE B 210 -31.48 3.96 14.88
N ALA B 211 -30.50 3.12 14.50
CA ALA B 211 -30.48 2.57 13.15
C ALA B 211 -31.70 1.69 12.89
N ASP B 212 -32.05 0.84 13.85
CA ASP B 212 -33.18 -0.07 13.65
C ASP B 212 -34.50 0.68 13.58
N GLU B 213 -34.64 1.77 14.35
CA GLU B 213 -35.85 2.57 14.28
C GLU B 213 -35.97 3.30 12.94
N ALA B 214 -34.85 3.72 12.36
CA ALA B 214 -34.84 4.45 11.11
C ALA B 214 -34.56 3.57 9.90
N GLY B 215 -34.55 2.25 10.08
CA GLY B 215 -34.38 1.32 8.97
C GLY B 215 -33.07 1.48 8.24
N ALA B 216 -31.96 1.56 8.99
CA ALA B 216 -30.65 1.82 8.42
C ALA B 216 -29.66 0.76 8.88
N ILE B 217 -28.59 0.64 8.11
CA ILE B 217 -27.45 -0.19 8.45
C ILE B 217 -26.47 0.66 9.26
N LEU B 218 -25.80 0.03 10.22
CA LEU B 218 -24.85 0.73 11.09
C LEU B 218 -23.44 0.25 10.79
N MET B 219 -22.56 1.20 10.47
CA MET B 219 -21.14 0.93 10.29
C MET B 219 -20.36 1.55 11.44
N ALA B 220 -19.42 0.79 11.99
CA ALA B 220 -18.59 1.25 13.10
C ALA B 220 -17.14 1.28 12.66
N ASP B 221 -16.53 2.46 12.74
CA ASP B 221 -15.09 2.62 12.53
C ASP B 221 -14.43 2.73 13.89
N ILE B 222 -13.72 1.68 14.30
CA ILE B 222 -13.17 1.59 15.64
C ILE B 222 -11.65 1.71 15.59
N SER B 223 -11.15 2.42 14.57
CA SER B 223 -9.71 2.50 14.34
C SER B 223 -8.98 3.08 15.54
N HIS B 224 -9.54 4.11 16.17
CA HIS B 224 -8.86 4.80 17.26
C HIS B 224 -9.04 4.12 18.62
N ILE B 225 -9.93 3.14 18.72
CA ILE B 225 -10.18 2.45 19.98
C ILE B 225 -10.12 0.94 19.75
N ALA B 226 -9.38 0.52 18.72
CA ALA B 226 -9.40 -0.88 18.32
C ALA B 226 -8.85 -1.80 19.40
N GLY B 227 -7.72 -1.44 20.00
CA GLY B 227 -7.13 -2.29 21.02
C GLY B 227 -7.99 -2.40 22.28
N LEU B 228 -8.63 -1.29 22.67
CA LEU B 228 -9.47 -1.32 23.86
C LEU B 228 -10.72 -2.17 23.66
N VAL B 229 -11.32 -2.09 22.47
CA VAL B 229 -12.39 -3.02 22.12
C VAL B 229 -11.84 -4.44 22.08
N ALA B 230 -10.62 -4.59 21.55
CA ALA B 230 -9.96 -5.89 21.49
C ALA B 230 -9.80 -6.50 22.87
N THR B 231 -9.34 -5.71 23.82
CA THR B 231 -8.99 -6.19 25.16
C THR B 231 -10.14 -6.08 26.15
N GLY B 232 -11.33 -5.69 25.69
CA GLY B 232 -12.50 -5.60 26.54
C GLY B 232 -12.65 -4.30 27.30
N ARG B 233 -11.75 -3.33 27.09
CA ARG B 233 -11.80 -2.10 27.86
C ARG B 233 -12.86 -1.14 27.33
N HIS B 234 -13.03 -1.06 26.01
CA HIS B 234 -14.10 -0.32 25.37
C HIS B 234 -15.15 -1.29 24.84
N PRO B 235 -16.43 -0.99 25.00
CA PRO B 235 -17.47 -1.92 24.54
C PRO B 235 -17.35 -2.21 23.05
N SER B 236 -17.65 -3.45 22.68
CA SER B 236 -17.42 -3.97 21.33
C SER B 236 -18.58 -3.64 20.40
N PRO B 237 -18.28 -3.29 19.15
CA PRO B 237 -19.32 -3.05 18.15
C PRO B 237 -19.63 -4.23 17.24
N ILE B 238 -18.96 -5.37 17.42
CA ILE B 238 -19.08 -6.49 16.48
C ILE B 238 -20.53 -6.93 16.32
N ASP B 239 -21.25 -7.13 17.41
CA ASP B 239 -22.63 -7.57 17.26
C ASP B 239 -23.62 -6.42 17.17
N ALA B 240 -23.28 -5.25 17.69
CA ALA B 240 -24.21 -4.12 17.63
C ALA B 240 -24.31 -3.52 16.23
N ALA B 241 -23.18 -3.36 15.55
CA ALA B 241 -23.15 -2.79 14.21
C ALA B 241 -23.13 -3.90 13.17
N HIS B 242 -23.84 -3.68 12.06
CA HIS B 242 -23.86 -4.68 10.99
C HIS B 242 -22.46 -4.95 10.47
N VAL B 243 -21.70 -3.89 10.21
CA VAL B 243 -20.34 -4.00 9.70
C VAL B 243 -19.44 -3.14 10.57
N THR B 244 -18.28 -3.68 10.95
CA THR B 244 -17.32 -2.94 11.73
C THR B 244 -16.01 -2.90 10.95
N THR B 245 -15.36 -1.74 10.95
CA THR B 245 -14.09 -1.57 10.24
C THR B 245 -13.04 -1.04 11.20
N THR B 246 -11.78 -1.30 10.88
CA THR B 246 -10.69 -0.86 11.74
C THR B 246 -9.39 -0.76 10.96
N CYS B 247 -8.60 0.26 11.30
CA CYS B 247 -7.21 0.31 10.90
C CYS B 247 -6.42 -0.70 11.71
N THR B 248 -5.27 -1.11 11.16
CA THR B 248 -4.40 -2.07 11.84
C THR B 248 -3.15 -1.41 12.41
N HIS B 249 -3.12 -0.08 12.47
CA HIS B 249 -1.88 0.62 12.93
C HIS B 249 -2.15 1.54 14.12
N LYS B 250 -3.24 2.31 14.09
CA LYS B 250 -3.48 3.34 15.14
C LYS B 250 -3.39 2.80 16.56
N GLN B 251 -4.25 1.84 16.92
CA GLN B 251 -4.14 1.23 18.27
C GLN B 251 -3.60 -0.19 18.18
N LEU B 252 -4.13 -1.01 17.28
CA LEU B 252 -3.51 -2.34 17.08
C LEU B 252 -2.14 -2.01 16.53
N VAL B 253 -1.05 -2.36 17.21
CA VAL B 253 0.28 -1.90 16.76
C VAL B 253 0.72 -2.74 15.56
N GLY B 254 0.26 -2.37 14.36
CA GLY B 254 0.57 -3.19 13.20
C GLY B 254 0.76 -2.37 11.95
N PRO B 255 0.59 -2.96 10.75
CA PRO B 255 0.91 -2.25 9.53
C PRO B 255 -0.11 -1.22 9.10
N ARG B 256 0.28 -0.33 8.19
CA ARG B 256 -0.70 0.63 7.64
C ARG B 256 -1.67 -0.20 6.82
N GLY B 257 -2.90 -0.31 7.29
CA GLY B 257 -3.93 -1.02 6.55
C GLY B 257 -5.25 -1.12 7.30
N GLY B 258 -6.18 -1.89 6.71
CA GLY B 258 -7.55 -1.93 7.20
C GLY B 258 -8.12 -3.34 7.28
N LEU B 259 -9.19 -3.46 8.08
CA LEU B 259 -9.82 -4.75 8.37
C LEU B 259 -11.34 -4.57 8.39
N ILE B 260 -12.07 -5.48 7.74
CA ILE B 260 -13.53 -5.42 7.66
C ILE B 260 -14.11 -6.58 8.46
N LEU B 261 -15.08 -6.27 9.33
CA LEU B 261 -15.61 -7.22 10.31
C LEU B 261 -17.12 -7.25 10.27
N SER B 262 -17.69 -8.40 10.64
CA SER B 262 -19.12 -8.49 10.89
C SER B 262 -19.34 -9.57 11.95
N GLY B 263 -20.42 -9.41 12.70
CA GLY B 263 -20.64 -10.33 13.81
C GLY B 263 -21.94 -11.08 13.68
N ARG B 264 -22.88 -10.78 14.57
CA ARG B 264 -24.13 -11.51 14.55
C ARG B 264 -24.89 -11.29 13.26
N ASP B 265 -24.60 -10.20 12.53
CA ASP B 265 -25.27 -9.89 11.27
C ASP B 265 -24.53 -10.42 10.05
N ALA B 266 -23.60 -11.36 10.23
CA ALA B 266 -22.78 -11.81 9.08
C ALA B 266 -23.58 -12.68 8.12
N ASN B 267 -24.36 -13.61 8.65
CA ASN B 267 -25.13 -14.56 7.80
C ASN B 267 -26.49 -13.94 7.53
N GLU B 268 -26.73 -12.76 8.08
CA GLU B 268 -28.01 -12.07 7.84
C GLU B 268 -27.92 -11.30 6.53
N LYS B 269 -28.98 -11.35 5.72
CA LYS B 269 -28.95 -10.70 4.39
C LYS B 269 -29.03 -9.18 4.53
N VAL B 270 -28.37 -8.47 3.61
CA VAL B 270 -28.40 -6.98 3.61
C VAL B 270 -29.85 -6.56 3.40
N PRO B 271 -30.38 -5.56 4.12
CA PRO B 271 -31.74 -5.12 3.86
C PRO B 271 -31.88 -4.63 2.42
N GLY B 272 -32.94 -5.06 1.73
CA GLY B 272 -33.19 -4.63 0.34
C GLY B 272 -32.43 -5.45 -0.69
N ARG B 273 -31.75 -6.52 -0.28
CA ARG B 273 -30.89 -7.27 -1.22
C ARG B 273 -31.03 -8.76 -0.91
N ASP B 274 -30.66 -9.64 -1.84
CA ASP B 274 -30.87 -11.10 -1.66
C ASP B 274 -29.61 -11.79 -1.10
N ALA B 275 -28.58 -11.03 -0.71
CA ALA B 275 -27.32 -11.67 -0.29
C ALA B 275 -26.95 -11.32 1.16
N THR B 276 -26.21 -12.22 1.83
CA THR B 276 -25.77 -12.00 3.23
C THR B 276 -24.69 -10.92 3.29
N PHE B 277 -24.53 -10.31 4.46
CA PHE B 277 -23.52 -9.23 4.61
C PHE B 277 -22.15 -9.81 4.28
N SER B 278 -21.88 -11.04 4.72
CA SER B 278 -20.54 -11.64 4.50
C SER B 278 -20.25 -11.77 3.01
N ARG B 279 -21.21 -12.24 2.21
CA ARG B 279 -20.99 -12.38 0.75
C ARG B 279 -20.84 -11.01 0.08
N VAL B 280 -21.68 -10.04 0.45
CA VAL B 280 -21.62 -8.69 -0.17
C VAL B 280 -20.30 -8.03 0.20
N LEU B 281 -19.86 -8.20 1.44
CA LEU B 281 -18.59 -7.59 1.92
C LEU B 281 -17.41 -8.34 1.29
N GLU B 282 -17.67 -9.48 0.65
CA GLU B 282 -16.61 -10.27 -0.03
C GLU B 282 -16.46 -9.67 -1.44
N LEU B 283 -17.04 -8.49 -1.64
CA LEU B 283 -16.98 -7.79 -2.95
C LEU B 283 -17.61 -8.68 -4.01
N ALA B 284 -18.73 -9.31 -3.69
CA ALA B 284 -19.47 -10.09 -4.69
C ALA B 284 -20.38 -9.14 -5.47
N PRO B 293 -3.66 -6.82 -3.79
CA PRO B 293 -2.88 -8.06 -3.83
C PRO B 293 -1.55 -7.95 -3.10
N ALA B 294 -1.44 -7.04 -2.13
CA ALA B 294 -0.22 -6.83 -1.38
C ALA B 294 -0.22 -7.80 -0.20
N VAL B 295 0.51 -8.92 -0.35
CA VAL B 295 0.41 -9.97 0.65
C VAL B 295 1.48 -9.80 1.74
N ASN B 296 2.52 -9.00 1.49
CA ASN B 296 3.46 -8.70 2.57
C ASN B 296 2.78 -7.95 3.71
N MET B 297 1.90 -7.00 3.39
CA MET B 297 1.10 -6.37 4.45
C MET B 297 0.20 -7.39 5.12
N MET B 298 -0.29 -8.38 4.38
CA MET B 298 -1.21 -9.34 4.99
C MET B 298 -0.51 -10.26 5.97
N ALA B 299 0.76 -10.60 5.72
CA ALA B 299 1.52 -11.32 6.74
C ALA B 299 1.67 -10.45 7.99
N ALA B 300 1.91 -9.15 7.82
CA ALA B 300 2.11 -8.26 8.95
C ALA B 300 0.83 -8.09 9.78
N LYS B 301 -0.32 -8.06 9.10
CA LYS B 301 -1.61 -8.01 9.79
C LYS B 301 -1.83 -9.24 10.65
N ALA B 302 -1.46 -10.41 10.13
CA ALA B 302 -1.56 -11.63 10.91
C ALA B 302 -0.68 -11.56 12.14
N ALA B 303 0.55 -11.08 11.97
CA ALA B 303 1.44 -10.90 13.12
C ALA B 303 0.87 -9.88 14.10
N ALA B 304 0.33 -8.78 13.59
CA ALA B 304 -0.25 -7.76 14.47
C ALA B 304 -1.47 -8.28 15.21
N LEU B 305 -2.34 -9.01 14.51
CA LEU B 305 -3.50 -9.63 15.15
C LEU B 305 -3.08 -10.66 16.19
N GLY B 306 -2.02 -11.41 15.93
CA GLY B 306 -1.56 -12.38 16.91
C GLY B 306 -1.04 -11.72 18.18
N TYR B 307 -0.25 -10.67 18.03
CA TYR B 307 0.32 -9.99 19.19
C TYR B 307 -0.78 -9.42 20.10
N ALA B 308 -1.84 -8.87 19.51
CA ALA B 308 -2.91 -8.29 20.32
C ALA B 308 -3.59 -9.34 21.18
N MET B 309 -3.59 -10.59 20.71
CA MET B 309 -4.13 -11.70 21.48
C MET B 309 -3.23 -12.02 22.67
N THR B 310 -1.93 -11.71 22.57
CA THR B 310 -1.00 -11.94 23.66
C THR B 310 -1.24 -10.93 24.79
N PRO B 311 -0.96 -11.32 26.04
CA PRO B 311 -1.20 -10.41 27.16
C PRO B 311 -0.29 -9.20 27.18
N GLU B 312 0.86 -9.24 26.48
CA GLU B 312 1.73 -8.06 26.42
C GLU B 312 1.00 -6.88 25.80
N PHE B 313 0.12 -7.15 24.83
CA PHE B 313 -0.74 -6.10 24.29
C PHE B 313 -1.73 -5.60 25.33
N ASP B 314 -2.29 -6.52 26.12
CA ASP B 314 -3.26 -6.14 27.14
C ASP B 314 -2.66 -5.19 28.17
N ALA B 315 -1.43 -5.48 28.62
CA ALA B 315 -0.75 -4.59 29.55
C ALA B 315 -0.55 -3.22 28.94
N GLU B 316 -0.17 -3.18 27.66
CA GLU B 316 0.04 -1.93 26.96
C GLU B 316 -1.26 -1.17 26.77
N MET B 317 -2.40 -1.89 26.71
CA MET B 317 -3.69 -1.23 26.68
C MET B 317 -4.05 -0.66 28.05
N GLN B 318 -3.73 -1.40 29.11
CA GLN B 318 -4.00 -0.91 30.49
C GLN B 318 -3.13 0.32 30.71
N ARG B 319 -1.91 0.29 30.19
CA ARG B 319 -0.97 1.42 30.42
C ARG B 319 -1.52 2.67 29.74
N ILE B 320 -2.24 2.50 28.65
CA ILE B 320 -2.87 3.64 27.93
C ILE B 320 -4.00 4.15 28.81
N ARG B 321 -4.88 3.24 29.23
CA ARG B 321 -6.05 3.63 30.04
C ARG B 321 -5.54 4.20 31.36
N ASP B 322 -4.44 3.65 31.88
CA ASP B 322 -4.01 4.12 33.19
C ASP B 322 -3.37 5.49 33.09
N ALA B 323 -2.51 5.67 32.08
CA ALA B 323 -1.80 6.94 31.94
C ALA B 323 -2.76 8.07 31.67
N ALA B 324 -3.85 7.80 30.94
CA ALA B 324 -4.85 8.82 30.69
C ALA B 324 -5.50 9.30 31.98
N ASP B 325 -5.84 8.38 32.87
CA ASP B 325 -6.49 8.77 34.13
C ASP B 325 -5.56 9.61 34.98
N VAL B 326 -4.29 9.22 35.10
CA VAL B 326 -3.33 10.00 35.87
C VAL B 326 -3.15 11.38 35.27
N MET B 327 -3.01 11.46 33.95
CA MET B 327 -2.76 12.75 33.34
C MET B 327 -4.00 13.64 33.35
N ALA B 328 -5.18 13.03 33.21
CA ALA B 328 -6.40 13.81 33.39
C ALA B 328 -6.51 14.35 34.80
N SER B 329 -6.13 13.53 35.79
CA SER B 329 -6.18 13.98 37.18
C SER B 329 -5.22 15.14 37.42
N GLU B 330 -4.00 15.07 36.88
CA GLU B 330 -3.03 16.13 37.09
C GLU B 330 -3.46 17.43 36.43
N PHE B 331 -4.08 17.35 35.25
CA PHE B 331 -4.56 18.57 34.59
C PHE B 331 -5.65 19.25 35.40
N GLN B 332 -6.57 18.47 35.99
CA GLN B 332 -7.62 19.05 36.81
C GLN B 332 -7.05 19.68 38.07
N ALA B 333 -6.06 19.05 38.69
CA ALA B 333 -5.42 19.58 39.88
C ALA B 333 -4.48 20.73 39.59
N ARG B 334 -4.16 20.99 38.32
CA ARG B 334 -3.49 22.19 37.90
C ARG B 334 -4.46 23.20 37.30
N ASP B 335 -5.77 22.94 37.43
CA ASP B 335 -6.84 23.87 37.05
C ASP B 335 -6.85 24.13 35.54
N TYR B 336 -6.70 23.06 34.75
CA TYR B 336 -6.89 23.14 33.31
C TYR B 336 -8.21 22.48 32.94
N VAL B 338 -10.46 19.41 31.59
CA VAL B 338 -10.66 18.24 30.69
C VAL B 338 -12.10 18.27 30.17
N VAL B 339 -12.28 18.26 28.84
CA VAL B 339 -13.65 18.18 28.30
C VAL B 339 -14.18 16.82 28.70
N GLY B 340 -15.34 16.79 29.35
CA GLY B 340 -15.87 15.52 29.87
C GLY B 340 -15.33 15.33 31.27
N GLY B 341 -16.03 14.58 32.10
CA GLY B 341 -15.54 14.46 33.48
C GLY B 341 -14.21 13.75 33.54
N ARG B 342 -14.05 12.68 32.75
CA ARG B 342 -12.84 11.85 32.84
C ARG B 342 -12.59 11.21 31.47
N SER B 343 -11.46 10.54 31.28
CA SER B 343 -11.23 9.80 30.01
C SER B 343 -11.68 8.36 30.20
N GLU B 344 -12.54 7.88 29.32
CA GLU B 344 -12.99 6.46 29.38
C GLU B 344 -12.24 5.73 28.27
N ASN B 345 -11.21 6.38 27.72
CA ASN B 345 -10.45 5.80 26.59
C ASN B 345 -9.00 6.26 26.64
N HIS B 346 -8.38 6.49 25.48
CA HIS B 346 -6.96 6.87 25.40
C HIS B 346 -6.78 8.37 25.20
N THR B 347 -7.87 9.12 25.10
CA THR B 347 -7.73 10.55 24.73
C THR B 347 -8.11 11.50 25.85
N ILE B 348 -7.32 12.55 26.04
CA ILE B 348 -7.67 13.62 27.02
C ILE B 348 -7.78 14.91 26.21
N LEU B 349 -8.91 15.61 26.32
CA LEU B 349 -9.03 16.91 25.64
C LEU B 349 -8.93 17.98 26.72
N ILE B 350 -8.01 18.93 26.57
CA ILE B 350 -7.81 19.96 27.62
C ILE B 350 -8.22 21.32 27.05
N ARG B 351 -8.95 22.09 27.84
CA ARG B 351 -9.32 23.44 27.39
C ARG B 351 -8.22 24.42 27.77
N LEU B 352 -7.52 24.97 26.79
CA LEU B 352 -6.56 26.04 27.09
C LEU B 352 -7.32 27.21 27.71
N ARG B 353 -6.63 28.01 28.50
CA ARG B 353 -7.24 29.09 29.29
C ARG B 353 -6.45 30.37 29.07
N ALA B 354 -7.05 31.50 29.47
CA ALA B 354 -6.37 32.80 29.48
C ALA B 354 -5.83 33.15 28.09
N ALA B 355 -6.72 33.10 27.10
CA ALA B 355 -6.40 33.49 25.72
C ALA B 355 -5.26 32.66 25.14
N MET B 356 -5.08 31.44 25.63
CA MET B 356 -4.18 30.51 24.98
C MET B 356 -4.85 29.95 23.73
N THR B 357 -4.10 29.85 22.65
CA THR B 357 -4.61 29.36 21.38
C THR B 357 -4.03 27.99 21.08
N GLY B 358 -4.90 27.03 20.75
CA GLY B 358 -4.43 25.69 20.50
C GLY B 358 -3.35 25.62 19.43
N ALA B 359 -3.39 26.53 18.47
CA ALA B 359 -2.36 26.57 17.43
C ALA B 359 -1.00 26.97 17.97
N ILE B 360 -0.95 28.04 18.78
CA ILE B 360 0.33 28.43 19.38
C ILE B 360 0.78 27.40 20.42
N ALA B 361 -0.17 26.79 21.14
CA ALA B 361 0.22 25.77 22.12
C ALA B 361 0.93 24.61 21.43
N GLU B 362 0.34 24.07 20.37
CA GLU B 362 0.97 22.96 19.65
C GLU B 362 2.27 23.39 19.00
N THR B 363 2.33 24.62 18.47
CA THR B 363 3.54 25.09 17.81
C THR B 363 4.71 25.21 18.80
N ALA B 364 4.45 25.82 19.96
CA ALA B 364 5.50 26.01 20.94
C ALA B 364 6.02 24.68 21.48
N LEU B 365 5.12 23.73 21.69
CA LEU B 365 5.51 22.46 22.34
C LEU B 365 6.47 21.65 21.48
N GLU B 366 6.25 21.63 20.16
CA GLU B 366 7.16 20.89 19.29
C GLU B 366 8.58 21.45 19.40
N HIS B 367 8.70 22.77 19.52
CA HIS B 367 10.01 23.39 19.75
C HIS B 367 10.64 22.93 21.06
N CYS B 368 9.83 22.47 22.01
CA CYS B 368 10.32 21.93 23.27
C CYS B 368 10.28 20.41 23.29
N GLY B 369 10.18 19.77 22.13
CA GLY B 369 10.25 18.32 22.03
C GLY B 369 8.98 17.58 22.38
N ILE B 370 7.84 18.25 22.47
CA ILE B 370 6.58 17.63 22.83
C ILE B 370 5.62 17.80 21.67
N VAL B 371 5.01 16.69 21.24
CA VAL B 371 4.12 16.68 20.09
C VAL B 371 2.70 16.43 20.58
N VAL B 372 1.82 17.40 20.32
CA VAL B 372 0.40 17.33 20.66
C VAL B 372 -0.40 17.90 19.48
N ASN B 373 -1.72 17.86 19.61
CA ASN B 373 -2.62 18.33 18.56
C ASN B 373 -3.63 19.29 19.15
N LYS B 374 -3.80 20.43 18.49
CA LYS B 374 -4.86 21.35 18.86
C LYS B 374 -6.20 20.75 18.45
N ASN B 375 -7.24 21.06 19.22
CA ASN B 375 -8.54 20.43 19.08
C ASN B 375 -9.63 21.28 19.68
N ARG B 376 -10.73 21.39 18.93
CA ARG B 376 -11.84 22.25 19.27
C ARG B 376 -12.45 21.85 20.61
N VAL B 377 -12.96 22.84 21.31
CA VAL B 377 -13.62 22.63 22.60
C VAL B 377 -15.09 22.96 22.38
N PRO B 378 -16.01 22.45 23.19
CA PRO B 378 -17.40 22.94 23.12
C PRO B 378 -17.43 24.42 23.46
N GLY B 379 -17.82 25.23 22.48
CA GLY B 379 -17.81 26.68 22.64
C GLY B 379 -16.56 27.31 22.08
N GLU B 380 -16.23 26.99 20.82
CA GLU B 380 -15.00 27.46 20.20
C GLU B 380 -15.20 28.91 19.74
N THR B 381 -14.82 29.85 20.60
CA THR B 381 -14.87 31.27 20.26
C THR B 381 -13.85 31.67 19.21
N ARG B 382 -12.89 30.80 18.92
CA ARG B 382 -11.84 31.05 17.95
C ARG B 382 -12.13 30.25 16.68
N SER B 383 -11.26 30.38 15.68
CA SER B 383 -11.47 29.70 14.42
C SER B 383 -11.24 28.19 14.58
N SER B 384 -11.67 27.44 13.56
CA SER B 384 -11.36 26.02 13.53
C SER B 384 -9.86 25.80 13.45
N PHE B 385 -9.15 26.63 12.68
CA PHE B 385 -7.70 26.53 12.60
C PHE B 385 -7.04 26.91 13.92
N VAL B 386 -7.55 27.93 14.60
CA VAL B 386 -6.98 28.30 15.89
C VAL B 386 -7.92 27.83 17.00
N THR B 387 -7.65 26.64 17.54
CA THR B 387 -8.55 26.09 18.53
C THR B 387 -8.27 26.71 19.91
N SER B 388 -9.22 26.47 20.83
CA SER B 388 -9.07 26.86 22.23
C SER B 388 -8.87 25.63 23.11
N GLY B 389 -8.24 24.60 22.58
CA GLY B 389 -8.03 23.37 23.32
C GLY B 389 -6.92 22.55 22.72
N LEU B 390 -6.55 21.49 23.44
CA LEU B 390 -5.42 20.66 23.09
C LEU B 390 -5.80 19.20 23.35
N ARG B 391 -5.36 18.30 22.46
CA ARG B 391 -5.72 16.89 22.55
C ARG B 391 -4.48 16.04 22.76
N ILE B 392 -4.59 15.06 23.65
CA ILE B 392 -3.49 14.21 24.05
C ILE B 392 -3.93 12.75 23.96
N GLY B 393 -3.05 11.90 23.43
CA GLY B 393 -3.29 10.47 23.42
C GLY B 393 -2.12 9.72 24.06
N THR B 394 -2.46 8.71 24.84
CA THR B 394 -1.48 8.02 25.68
C THR B 394 -0.95 6.74 25.03
N GLY B 395 -1.19 6.53 23.74
CA GLY B 395 -0.70 5.31 23.09
C GLY B 395 0.81 5.23 23.05
N ALA B 396 1.47 6.35 22.71
CA ALA B 396 2.93 6.34 22.62
C ALA B 396 3.59 6.20 23.99
N LEU B 397 2.92 6.64 25.05
CA LEU B 397 3.50 6.56 26.39
C LEU B 397 3.45 5.15 26.96
N ALA B 398 2.43 4.36 26.60
CA ALA B 398 2.40 2.97 27.04
C ALA B 398 3.58 2.20 26.47
N GLN B 399 4.03 2.59 25.28
CA GLN B 399 5.18 1.96 24.65
C GLN B 399 6.50 2.43 25.26
N ARG B 400 6.46 3.48 26.09
CA ARG B 400 7.61 3.96 26.83
C ARG B 400 7.61 3.50 28.29
N HIS B 401 6.64 2.68 28.70
CA HIS B 401 6.54 2.13 30.04
C HIS B 401 6.74 3.20 31.12
N VAL B 402 5.93 4.26 31.01
CA VAL B 402 6.03 5.40 31.91
C VAL B 402 5.22 5.12 33.18
N ASP B 403 5.81 5.45 34.33
CA ASP B 403 5.11 5.30 35.59
C ASP B 403 4.21 6.51 35.84
N ALA B 404 3.32 6.37 36.83
CA ALA B 404 2.39 7.45 37.16
C ALA B 404 3.14 8.71 37.55
N GLN B 405 4.28 8.56 38.22
CA GLN B 405 5.11 9.71 38.55
C GLN B 405 5.56 10.43 37.28
N GLY B 406 5.98 9.67 36.27
CA GLY B 406 6.43 10.28 35.02
C GLY B 406 5.32 10.97 34.25
N CYS B 407 4.14 10.36 34.22
CA CYS B 407 3.00 10.99 33.54
C CYS B 407 2.70 12.35 34.14
N ARG B 408 2.75 12.46 35.46
CA ARG B 408 2.58 13.75 36.10
C ARG B 408 3.71 14.72 35.73
N GLN B 409 4.91 14.22 35.41
CA GLN B 409 5.98 15.20 35.24
C GLN B 409 5.86 15.79 33.85
N ILE B 410 5.32 14.97 32.93
CA ILE B 410 5.05 15.40 31.56
C ILE B 410 3.95 16.44 31.54
N VAL B 411 2.87 16.22 32.31
CA VAL B 411 1.88 17.29 32.45
C VAL B 411 2.53 18.51 33.07
N ASP B 412 3.41 18.30 34.06
CA ASP B 412 4.10 19.41 34.70
C ASP B 412 4.89 20.22 33.70
N LEU B 413 5.72 19.55 32.89
CA LEU B 413 6.46 20.26 31.85
C LEU B 413 5.50 20.92 30.86
N LEU B 414 4.41 20.23 30.53
CA LEU B 414 3.45 20.74 29.55
C LEU B 414 2.78 22.02 30.04
N CYS B 415 2.21 21.99 31.25
CA CYS B 415 1.60 23.19 31.82
C CYS B 415 2.65 24.27 32.07
N ARG B 416 3.87 23.88 32.42
CA ARG B 416 4.94 24.84 32.64
C ARG B 416 5.30 25.56 31.35
N ILE B 417 5.19 24.88 30.21
CA ILE B 417 5.31 25.54 28.92
C ILE B 417 4.23 26.60 28.76
N LEU B 418 2.97 26.21 28.98
CA LEU B 418 1.85 27.09 28.67
C LEU B 418 1.73 28.24 29.66
N ASP B 419 2.15 28.02 30.92
CA ASP B 419 2.17 29.08 31.91
C ASP B 419 3.19 30.16 31.60
N GLU B 420 4.12 29.86 30.67
CA GLU B 420 5.25 30.78 30.36
C GLU B 420 5.10 31.45 28.99
N VAL B 421 4.78 30.69 27.94
CA VAL B 421 4.65 31.24 26.55
C VAL B 421 3.62 32.38 26.58
N THR B 422 3.87 33.48 25.85
CA THR B 422 2.97 34.65 25.91
C THR B 422 2.31 34.92 24.56
N PRO B 423 1.17 34.29 24.23
CA PRO B 423 0.57 34.44 22.92
C PRO B 423 0.41 35.90 22.46
N LEU B 424 1.21 36.31 21.47
CA LEU B 424 1.01 37.67 20.90
C LEU B 424 0.35 37.49 19.54
N GLY B 425 -0.97 37.32 19.53
CA GLY B 425 -1.67 37.03 18.28
C GLY B 425 -2.48 35.77 18.46
N GLU B 426 -2.93 35.16 17.37
CA GLU B 426 -3.65 33.86 17.50
C GLU B 426 -2.81 32.79 16.81
N SER B 427 -1.68 33.19 16.21
CA SER B 427 -0.84 32.22 15.46
C SER B 427 0.63 32.50 15.74
N GLU B 428 1.00 33.78 15.85
CA GLU B 428 2.43 34.15 16.04
C GLU B 428 2.83 33.76 17.45
N PHE B 429 3.72 32.77 17.60
CA PHE B 429 3.99 32.34 18.96
C PHE B 429 5.18 33.13 19.47
N THR B 430 5.19 33.43 20.76
CA THR B 430 6.23 34.28 21.32
C THR B 430 6.71 33.72 22.65
N LEU B 431 7.71 34.37 23.23
CA LEU B 431 8.24 34.00 24.57
C LEU B 431 8.81 32.59 24.59
N ASP B 432 9.82 32.33 23.79
CA ASP B 432 10.52 31.01 23.85
C ASP B 432 11.93 31.19 23.28
N PRO B 433 12.88 31.82 24.01
CA PRO B 433 14.22 32.07 23.50
C PRO B 433 15.23 31.00 23.95
N ALA B 434 15.67 31.07 25.20
CA ALA B 434 16.62 30.08 25.76
C ALA B 434 15.86 29.26 26.78
N LEU B 435 14.64 29.69 27.09
CA LEU B 435 13.81 28.90 28.01
C LEU B 435 13.35 27.66 27.25
N ARG B 436 13.09 27.80 25.95
CA ARG B 436 12.68 26.64 25.13
C ARG B 436 13.84 25.64 25.02
N LYS B 437 15.08 26.13 25.15
CA LYS B 437 16.25 25.24 25.07
C LYS B 437 16.25 24.31 26.29
N GLN B 438 16.06 24.84 27.49
CA GLN B 438 16.13 23.97 28.69
C GLN B 438 14.88 23.11 28.73
N PHE B 439 13.80 23.62 28.13
CA PHE B 439 12.52 22.88 28.14
C PHE B 439 12.63 21.70 27.17
N CYS B 440 13.21 21.93 25.99
CA CYS B 440 13.43 20.84 25.03
C CYS B 440 14.31 19.78 25.69
N ALA B 441 15.38 20.23 26.33
CA ALA B 441 16.34 19.28 26.95
C ALA B 441 15.63 18.47 28.03
N GLU B 442 14.65 19.08 28.70
CA GLU B 442 13.97 18.37 29.80
C GLU B 442 13.04 17.32 29.21
N ALA B 443 12.44 17.62 28.07
CA ALA B 443 11.56 16.63 27.39
C ALA B 443 12.41 15.48 26.89
N GLU B 444 13.53 15.81 26.25
CA GLU B 444 14.43 14.75 25.74
C GLU B 444 14.97 13.93 26.90
N ALA B 445 15.08 14.51 28.10
CA ALA B 445 15.55 13.77 29.26
C ALA B 445 14.49 12.80 29.76
N LEU B 446 13.22 13.17 29.66
CA LEU B 446 12.15 12.23 29.95
C LEU B 446 12.10 11.11 28.91
N CYS B 447 12.46 11.41 27.66
CA CYS B 447 12.61 10.37 26.66
C CYS B 447 13.75 9.42 27.02
N VAL B 448 14.84 9.95 27.54
CA VAL B 448 15.97 9.11 27.96
C VAL B 448 15.56 8.25 29.16
N LYS B 449 14.88 8.85 30.13
CA LYS B 449 14.54 8.12 31.35
C LYS B 449 13.54 7.01 31.07
N TYR B 450 12.59 7.24 30.18
CA TYR B 450 11.59 6.24 29.80
C TYR B 450 11.72 5.94 28.31
N PRO B 451 12.45 4.89 27.93
CA PRO B 451 12.62 4.57 26.52
C PRO B 451 11.49 3.68 25.98
N ILE B 452 11.38 3.67 24.65
CA ILE B 452 10.44 2.78 23.99
C ILE B 452 10.97 1.36 24.14
N ALA B 453 10.29 0.55 24.96
CA ALA B 453 10.85 -0.73 25.39
C ALA B 453 11.08 -1.68 24.23
N ASP B 454 10.05 -1.87 23.40
CA ASP B 454 10.16 -2.83 22.31
C ASP B 454 11.13 -2.40 21.22
N TYR B 455 11.59 -1.14 21.24
CA TYR B 455 12.60 -0.65 20.33
C TYR B 455 13.99 -0.71 20.95
N LEU B 456 14.15 -1.36 22.10
CA LEU B 456 15.44 -1.61 22.73
C LEU B 456 16.29 -0.36 22.89
#